data_4JBN
#
_entry.id   4JBN
#
_cell.length_a   80.515
_cell.length_b   80.515
_cell.length_c   112.636
_cell.angle_alpha   90.00
_cell.angle_beta   90.00
_cell.angle_gamma   90.00
#
_symmetry.space_group_name_H-M   'P 41'
#
loop_
_entity.id
_entity.type
_entity.pdbx_description
1 polymer 'Cysteine synthase'
2 polymer 'SAT derived tetrapeptide'
3 non-polymer 'SULFATE ION'
4 water water
#
loop_
_entity_poly.entity_id
_entity_poly.type
_entity_poly.pdbx_seq_one_letter_code
_entity_poly.pdbx_strand_id
1 'polypeptide(L)'
;MEQISISSPRKRIYHNILETIGGTPLVELHGVTEHPRIKKGTRILVKLEYFNPMSSV(LLP)DRVGFNIVYQAIKDGRLK
PGMEIIESTSGNTGIALCQAGAVFGYRVNIAMPSTMSVERQMIMKAFGAELILTEGKKGMPGAIEEVNKMIKENPGKYFV
ANQFGNPDNTAAHHYTANEIWEDTDGEVDIVVSAVGTSGTVIGVAEKLKEKKKGIKIIAVEPEESAVLEGKAKGPHGIQG
IGAGFIPDIYKKEFVDEIIPIKTQDAWKMARAVVKYDGIMCGMSSGAAILAGLKEAEKPENEGKTIVIIVPSCGERYLST
DLYKIKDEGTKIQILDSLLNEH
;
A,B
2 'polypeptide(L)' SPSI C
#
# COMPACT_ATOMS: atom_id res chain seq x y z
N GLU A 2 18.73 -12.70 -13.72
CA GLU A 2 17.70 -13.50 -14.34
C GLU A 2 17.00 -14.41 -13.35
N GLN A 3 17.76 -14.86 -12.34
CA GLN A 3 17.26 -15.35 -11.09
C GLN A 3 16.48 -14.20 -10.46
N ILE A 4 15.32 -14.50 -9.90
CA ILE A 4 14.54 -13.52 -9.17
C ILE A 4 14.27 -13.94 -7.74
N SER A 5 14.79 -13.19 -6.78
CA SER A 5 14.63 -13.55 -5.35
C SER A 5 13.66 -12.56 -4.79
N ILE A 6 12.60 -13.06 -4.20
CA ILE A 6 11.72 -12.17 -3.43
C ILE A 6 12.34 -11.75 -2.12
N SER A 7 11.62 -10.95 -1.33
CA SER A 7 12.22 -10.44 -0.04
C SER A 7 12.26 -11.48 1.02
N SER A 8 13.31 -11.41 1.86
CA SER A 8 13.50 -12.31 2.97
C SER A 8 12.68 -11.81 4.17
N PRO A 9 12.54 -12.66 5.17
CA PRO A 9 11.80 -12.33 6.40
C PRO A 9 12.40 -11.09 7.03
N ARG A 10 11.55 -10.25 7.64
CA ARG A 10 12.04 -9.03 8.34
C ARG A 10 12.83 -9.35 9.66
N LYS A 11 12.54 -10.51 10.23
CA LYS A 11 13.00 -10.99 11.54
C LYS A 11 12.74 -9.96 12.62
N ARG A 12 11.52 -9.47 12.71
CA ARG A 12 11.19 -8.43 13.70
C ARG A 12 9.72 -8.73 13.94
N ILE A 13 9.22 -8.46 15.14
CA ILE A 13 7.82 -8.35 15.40
C ILE A 13 7.59 -6.92 15.83
N TYR A 14 6.77 -6.21 15.08
CA TYR A 14 6.52 -4.81 15.28
C TYR A 14 5.52 -4.57 16.41
N HIS A 15 5.76 -3.64 17.29
CA HIS A 15 4.86 -3.42 18.44
C HIS A 15 3.51 -2.76 18.14
N ASN A 16 3.50 -2.01 17.05
CA ASN A 16 2.35 -1.38 16.47
C ASN A 16 2.67 -0.94 15.04
N ILE A 17 1.66 -0.44 14.36
CA ILE A 17 1.80 -0.13 12.94
C ILE A 17 2.82 0.98 12.65
N LEU A 18 3.02 1.86 13.63
CA LEU A 18 3.91 2.99 13.42
C LEU A 18 5.38 2.49 13.27
N GLU A 19 5.72 1.31 13.86
CA GLU A 19 7.03 0.79 13.71
C GLU A 19 7.33 0.25 12.30
N THR A 20 6.31 0.11 11.47
CA THR A 20 6.48 -0.37 10.06
C THR A 20 6.66 0.81 9.16
N ILE A 21 6.63 2.04 9.68
CA ILE A 21 6.91 3.23 8.88
C ILE A 21 8.35 3.25 8.49
N GLY A 22 8.63 3.67 7.29
CA GLY A 22 10.06 3.87 6.86
C GLY A 22 10.72 2.63 6.32
N GLY A 23 12.05 2.68 6.14
CA GLY A 23 12.82 1.52 5.58
C GLY A 23 12.19 1.12 4.23
N THR A 24 11.86 2.10 3.38
CA THR A 24 11.08 1.87 2.09
C THR A 24 12.13 1.41 1.02
N PRO A 25 11.68 0.64 0.01
CA PRO A 25 12.61 -0.01 -0.89
C PRO A 25 13.06 0.86 -2.02
N LEU A 26 14.34 0.67 -2.36
CA LEU A 26 14.94 1.37 -3.44
C LEU A 26 15.06 0.44 -4.66
N VAL A 27 14.38 0.83 -5.75
CA VAL A 27 14.16 -0.15 -6.87
C VAL A 27 14.71 0.45 -8.17
N GLU A 28 15.51 -0.34 -8.90
CA GLU A 28 16.02 0.11 -10.20
C GLU A 28 14.93 0.28 -11.25
N LEU A 29 15.03 1.36 -12.01
CA LEU A 29 14.15 1.48 -13.21
C LEU A 29 14.88 0.88 -14.40
N HIS A 30 14.12 0.19 -15.25
CA HIS A 30 14.74 -0.39 -16.46
C HIS A 30 13.97 -0.12 -17.71
N GLY A 31 12.67 -0.24 -17.61
CA GLY A 31 11.79 -0.03 -18.72
C GLY A 31 11.82 1.36 -19.29
N VAL A 32 11.57 2.35 -18.48
CA VAL A 32 11.63 3.73 -18.91
C VAL A 32 13.03 4.32 -19.10
N THR A 33 14.06 3.60 -18.74
CA THR A 33 15.40 4.08 -18.90
C THR A 33 16.00 3.53 -20.21
N GLU A 34 15.18 2.81 -20.99
CA GLU A 34 15.64 2.23 -22.25
C GLU A 34 15.88 3.31 -23.29
N HIS A 35 16.94 4.09 -23.10
CA HIS A 35 17.29 5.16 -24.03
C HIS A 35 18.75 5.10 -24.42
N PRO A 36 19.03 5.21 -25.72
CA PRO A 36 20.40 5.16 -26.23
C PRO A 36 21.28 6.22 -25.58
N ARG A 37 20.67 7.36 -25.29
CA ARG A 37 21.34 8.47 -24.61
C ARG A 37 21.55 8.30 -23.07
N ILE A 38 20.86 7.33 -22.48
CA ILE A 38 21.04 6.96 -21.08
C ILE A 38 22.05 5.82 -21.12
N LYS A 39 23.23 6.08 -20.64
CA LYS A 39 24.29 5.13 -20.72
C LYS A 39 24.04 3.99 -19.78
N LYS A 40 24.55 2.83 -20.10
CA LYS A 40 24.27 1.68 -19.26
C LYS A 40 24.83 1.73 -17.83
N GLY A 41 25.86 2.50 -17.58
CA GLY A 41 26.30 2.62 -16.22
C GLY A 41 25.55 3.59 -15.33
N THR A 42 24.72 4.42 -15.89
CA THR A 42 23.96 5.37 -15.12
C THR A 42 22.84 4.65 -14.44
N ARG A 43 22.76 4.77 -13.14
CA ARG A 43 21.71 4.08 -12.42
C ARG A 43 20.58 4.97 -11.94
N ILE A 44 19.38 4.53 -12.25
CA ILE A 44 18.21 5.29 -11.94
C ILE A 44 17.30 4.50 -11.00
N LEU A 45 17.19 4.98 -9.78
CA LEU A 45 16.55 4.19 -8.72
C LEU A 45 15.35 4.97 -8.19
N VAL A 46 14.27 4.29 -7.77
CA VAL A 46 13.14 5.01 -7.26
C VAL A 46 12.92 4.56 -5.85
N LYS A 47 12.63 5.49 -4.93
CA LYS A 47 12.49 5.07 -3.51
C LYS A 47 10.97 5.09 -3.30
N LEU A 48 10.37 3.93 -3.00
CA LEU A 48 8.93 3.79 -3.12
C LEU A 48 8.23 4.06 -1.74
N GLU A 49 7.77 5.28 -1.53
CA GLU A 49 7.32 5.63 -0.18
C GLU A 49 5.90 5.17 0.03
N TYR A 50 5.31 4.54 -0.98
CA TYR A 50 3.95 3.96 -0.78
C TYR A 50 4.07 2.59 -0.13
N PHE A 51 5.29 2.15 0.14
CA PHE A 51 5.42 0.98 1.04
C PHE A 51 5.12 1.26 2.51
N ASN A 52 5.10 2.52 2.91
CA ASN A 52 4.57 2.92 4.22
C ASN A 52 3.15 2.35 4.51
N PRO A 53 2.78 2.21 5.76
CA PRO A 53 1.52 1.54 6.07
C PRO A 53 0.30 2.20 5.49
N MET A 54 0.24 3.50 5.36
CA MET A 54 -0.89 4.07 4.66
C MET A 54 -0.52 4.56 3.26
N SER A 55 0.52 3.97 2.69
CA SER A 55 0.86 4.15 1.31
C SER A 55 1.29 5.55 0.86
N SER A 56 1.87 6.31 1.74
CA SER A 56 2.47 7.55 1.31
C SER A 56 3.61 8.01 2.16
N VAL A 57 4.43 8.86 1.57
CA VAL A 57 5.54 9.51 2.31
C VAL A 57 5.06 10.23 3.61
N ASP A 59 3.15 9.35 5.96
CA ASP A 59 3.18 8.50 7.14
C ASP A 59 4.35 8.89 8.07
N ARG A 60 5.52 9.14 7.48
CA ARG A 60 6.67 9.49 8.34
C ARG A 60 6.40 10.83 9.07
N VAL A 61 5.76 11.75 8.34
CA VAL A 61 5.46 13.14 8.83
C VAL A 61 4.40 13.15 9.95
N GLY A 62 3.27 12.50 9.73
CA GLY A 62 2.29 12.38 10.78
C GLY A 62 2.79 11.73 12.03
N PHE A 63 3.53 10.67 11.86
CA PHE A 63 4.14 10.01 12.97
C PHE A 63 5.11 10.95 13.70
N ASN A 64 6.07 11.52 12.99
CA ASN A 64 7.08 12.28 13.76
C ASN A 64 6.46 13.53 14.43
N ILE A 65 5.56 14.21 13.74
CA ILE A 65 4.97 15.43 14.29
C ILE A 65 4.25 15.08 15.58
N VAL A 66 3.44 14.02 15.54
CA VAL A 66 2.66 13.68 16.72
C VAL A 66 3.53 13.08 17.81
N TYR A 67 4.41 12.15 17.47
CA TYR A 67 5.19 11.50 18.51
C TYR A 67 6.11 12.55 19.20
N GLN A 68 6.75 13.42 18.42
CA GLN A 68 7.63 14.39 19.07
C GLN A 68 6.79 15.36 19.93
N ALA A 69 5.61 15.74 19.49
CA ALA A 69 4.77 16.64 20.31
C ALA A 69 4.38 16.04 21.65
N ILE A 70 4.11 14.75 21.64
CA ILE A 70 3.81 14.02 22.88
C ILE A 70 5.06 13.97 23.78
N LYS A 71 6.21 13.61 23.22
CA LYS A 71 7.44 13.59 24.01
C LYS A 71 7.76 15.04 24.51
N ASP A 72 7.40 16.06 23.75
CA ASP A 72 7.71 17.49 24.04
C ASP A 72 6.84 18.11 25.07
N GLY A 73 5.73 17.48 25.33
CA GLY A 73 4.66 18.09 26.11
C GLY A 73 3.86 19.08 25.31
N ARG A 74 4.12 19.26 23.99
CA ARG A 74 3.16 20.02 23.16
C ARG A 74 1.81 19.37 22.90
N LEU A 75 1.71 18.05 23.07
CA LEU A 75 0.44 17.37 22.90
C LEU A 75 0.35 16.58 24.19
N LYS A 76 -0.74 16.80 24.95
CA LYS A 76 -0.90 16.15 26.26
C LYS A 76 -2.28 15.61 26.45
N PRO A 77 -2.45 14.67 27.38
CA PRO A 77 -3.84 14.11 27.49
C PRO A 77 -4.91 15.13 27.71
N GLY A 78 -6.05 14.94 27.04
CA GLY A 78 -7.15 15.88 27.03
C GLY A 78 -7.13 16.85 25.86
N MET A 79 -5.97 17.00 25.23
CA MET A 79 -5.86 17.80 24.02
C MET A 79 -6.25 16.96 22.82
N GLU A 80 -6.45 17.62 21.71
CA GLU A 80 -6.75 16.98 20.45
C GLU A 80 -5.86 17.53 19.33
N ILE A 81 -5.54 16.71 18.36
CA ILE A 81 -4.81 17.11 17.18
C ILE A 81 -5.73 17.83 16.16
N ILE A 82 -5.23 18.85 15.49
CA ILE A 82 -6.02 19.43 14.42
C ILE A 82 -5.10 19.81 13.28
N GLU A 83 -5.61 19.77 12.05
CA GLU A 83 -4.79 20.13 10.90
C GLU A 83 -5.63 20.26 9.62
N SER A 84 -5.56 21.44 9.00
CA SER A 84 -6.24 21.67 7.74
C SER A 84 -5.45 21.06 6.59
N THR A 85 -6.05 20.07 5.93
CA THR A 85 -5.38 19.36 4.88
C THR A 85 -6.41 18.50 4.23
N SER A 86 -6.30 18.36 2.92
CA SER A 86 -7.22 17.47 2.19
C SER A 86 -6.47 16.28 1.62
N GLY A 87 -5.16 16.24 1.92
CA GLY A 87 -4.23 15.17 1.48
C GLY A 87 -3.76 14.06 2.41
N ASN A 88 -2.67 13.46 2.01
CA ASN A 88 -2.12 12.32 2.71
C ASN A 88 -1.72 12.72 4.11
N THR A 89 -1.37 14.00 4.33
CA THR A 89 -1.03 14.34 5.72
C THR A 89 -2.18 14.06 6.67
N GLY A 90 -3.45 14.31 6.25
CA GLY A 90 -4.52 14.09 7.24
C GLY A 90 -4.62 12.58 7.55
N ILE A 91 -4.46 11.77 6.52
CA ILE A 91 -4.48 10.28 6.72
C ILE A 91 -3.36 9.87 7.68
N ALA A 92 -2.17 10.46 7.50
CA ALA A 92 -1.05 10.04 8.34
C ALA A 92 -1.29 10.51 9.81
N LEU A 93 -1.80 11.72 9.99
CA LEU A 93 -2.18 12.21 11.34
C LEU A 93 -3.29 11.34 11.94
N CYS A 94 -4.26 10.92 11.11
CA CYS A 94 -5.33 9.99 11.60
C CYS A 94 -4.74 8.65 12.09
N GLN A 95 -3.80 8.10 11.33
CA GLN A 95 -3.09 6.82 11.72
C GLN A 95 -2.32 6.99 13.05
N ALA A 96 -1.49 8.05 13.14
CA ALA A 96 -0.77 8.28 14.42
C ALA A 96 -1.73 8.56 15.60
N GLY A 97 -2.76 9.34 15.38
CA GLY A 97 -3.74 9.62 16.49
C GLY A 97 -4.48 8.36 16.96
N ALA A 98 -4.81 7.47 16.03
CA ALA A 98 -5.51 6.22 16.38
C ALA A 98 -4.61 5.37 17.27
N VAL A 99 -3.31 5.29 16.92
CA VAL A 99 -2.35 4.48 17.72
C VAL A 99 -2.09 5.10 19.10
N PHE A 100 -1.86 6.43 19.15
CA PHE A 100 -1.50 7.10 20.38
C PHE A 100 -2.71 7.32 21.26
N GLY A 101 -3.91 7.17 20.71
CA GLY A 101 -5.14 7.42 21.44
C GLY A 101 -5.51 8.89 21.57
N TYR A 102 -5.24 9.68 20.53
CA TYR A 102 -5.61 11.12 20.50
C TYR A 102 -6.67 11.42 19.46
N ARG A 103 -7.72 12.17 19.81
CA ARG A 103 -8.69 12.55 18.77
C ARG A 103 -7.99 13.40 17.70
N VAL A 104 -8.45 13.25 16.47
CA VAL A 104 -7.86 13.94 15.32
C VAL A 104 -9.01 14.69 14.66
N ASN A 105 -8.79 16.00 14.46
CA ASN A 105 -9.71 16.86 13.73
C ASN A 105 -9.12 17.28 12.39
N ILE A 106 -9.74 16.93 11.28
CA ILE A 106 -9.16 17.34 10.01
C ILE A 106 -10.13 18.27 9.30
N ALA A 107 -9.64 19.44 8.88
CA ALA A 107 -10.55 20.43 8.27
C ALA A 107 -10.20 20.50 6.82
N MET A 108 -11.23 20.46 5.98
CA MET A 108 -11.01 20.54 4.57
C MET A 108 -12.32 21.05 3.97
N PRO A 109 -12.27 21.59 2.72
CA PRO A 109 -13.50 22.02 2.02
C PRO A 109 -14.40 20.79 1.80
N SER A 110 -15.70 20.93 2.02
CA SER A 110 -16.66 19.79 1.85
C SER A 110 -16.61 19.31 0.40
N THR A 111 -16.16 20.22 -0.45
CA THR A 111 -15.75 19.94 -1.81
C THR A 111 -14.80 18.73 -1.98
N MET A 112 -13.77 18.58 -1.14
CA MET A 112 -12.61 17.77 -1.56
C MET A 112 -12.71 16.25 -1.36
N SER A 113 -11.56 15.62 -1.63
CA SER A 113 -11.25 14.19 -1.44
C SER A 113 -12.20 13.41 -0.53
N VAL A 114 -13.36 13.08 -1.10
CA VAL A 114 -14.45 12.38 -0.44
C VAL A 114 -14.14 10.88 -0.15
N GLU A 115 -13.28 10.30 -1.01
CA GLU A 115 -12.72 9.01 -0.69
C GLU A 115 -11.84 9.26 0.50
N ARG A 116 -11.05 10.34 0.48
CA ARG A 116 -10.13 10.54 1.58
C ARG A 116 -10.91 10.91 2.83
N GLN A 117 -12.09 11.53 2.68
CA GLN A 117 -12.95 11.76 3.86
C GLN A 117 -13.32 10.47 4.56
N MET A 118 -13.71 9.49 3.80
CA MET A 118 -14.08 8.20 4.34
C MET A 118 -12.90 7.51 4.99
N ILE A 119 -11.74 7.59 4.37
CA ILE A 119 -10.49 7.04 5.00
C ILE A 119 -10.34 7.68 6.37
N MET A 120 -10.37 9.00 6.39
CA MET A 120 -10.16 9.68 7.66
C MET A 120 -11.20 9.35 8.72
N LYS A 121 -12.46 9.28 8.32
CA LYS A 121 -13.50 8.84 9.28
C LYS A 121 -13.30 7.38 9.74
N ALA A 122 -12.87 6.47 8.85
CA ALA A 122 -12.59 5.06 9.26
C ALA A 122 -11.63 5.04 10.49
N PHE A 123 -10.68 5.97 10.51
CA PHE A 123 -9.72 6.06 11.60
C PHE A 123 -10.22 6.72 12.86
N GLY A 124 -11.44 7.22 12.80
CA GLY A 124 -12.10 7.83 13.94
C GLY A 124 -11.92 9.34 13.98
N ALA A 125 -11.41 9.91 12.90
CA ALA A 125 -11.25 11.37 12.83
C ALA A 125 -12.59 12.06 12.83
N GLU A 126 -12.61 13.23 13.46
CA GLU A 126 -13.69 14.21 13.29
C GLU A 126 -13.34 15.10 12.10
N LEU A 127 -14.22 15.18 11.11
CA LEU A 127 -13.97 16.03 9.97
C LEU A 127 -14.65 17.35 10.12
N ILE A 128 -13.99 18.40 9.67
CA ILE A 128 -14.52 19.73 9.76
C ILE A 128 -14.66 20.23 8.36
N LEU A 129 -15.86 20.05 7.79
CA LEU A 129 -16.08 20.30 6.36
C LEU A 129 -16.53 21.75 6.21
N THR A 130 -15.75 22.51 5.44
CA THR A 130 -15.92 23.94 5.31
C THR A 130 -16.46 24.25 3.89
N GLU A 131 -16.77 25.52 3.64
CA GLU A 131 -17.46 25.90 2.42
C GLU A 131 -16.59 25.71 1.16
N GLY A 132 -17.10 24.94 0.21
CA GLY A 132 -16.35 24.54 -0.99
C GLY A 132 -15.71 25.69 -1.74
N LYS A 133 -16.49 26.73 -2.01
CA LYS A 133 -15.98 27.90 -2.72
C LYS A 133 -14.95 28.65 -1.90
N LYS A 134 -14.64 28.13 -0.72
CA LYS A 134 -13.66 28.75 0.17
C LYS A 134 -12.32 28.04 0.10
N GLY A 135 -12.31 26.88 -0.56
CA GLY A 135 -11.09 26.10 -0.71
C GLY A 135 -10.36 25.90 0.60
N MET A 136 -9.05 25.69 0.53
CA MET A 136 -8.22 25.48 1.74
C MET A 136 -8.09 26.72 2.64
N PRO A 137 -8.00 27.95 2.05
CA PRO A 137 -8.09 29.08 2.96
C PRO A 137 -9.30 29.03 3.89
N GLY A 138 -10.45 28.58 3.42
CA GLY A 138 -11.64 28.50 4.30
C GLY A 138 -11.51 27.46 5.41
N ALA A 139 -10.81 26.36 5.09
CA ALA A 139 -10.47 25.33 6.09
C ALA A 139 -9.49 25.85 7.15
N ILE A 140 -8.44 26.54 6.73
CA ILE A 140 -7.47 27.11 7.70
C ILE A 140 -8.18 28.13 8.58
N GLU A 141 -9.05 28.93 7.95
CA GLU A 141 -9.82 29.94 8.68
C GLU A 141 -10.57 29.30 9.85
N GLU A 142 -11.26 28.18 9.59
CA GLU A 142 -12.09 27.53 10.59
C GLU A 142 -11.25 26.95 11.72
N VAL A 143 -10.07 26.40 11.38
CA VAL A 143 -9.11 25.88 12.40
C VAL A 143 -8.73 27.01 13.38
N ASN A 144 -8.38 28.15 12.82
CA ASN A 144 -8.02 29.33 13.59
C ASN A 144 -9.15 29.74 14.51
N LYS A 145 -10.34 29.84 13.98
CA LYS A 145 -11.49 30.14 14.78
C LYS A 145 -11.67 29.12 15.91
N MET A 146 -11.38 27.86 15.64
CA MET A 146 -11.55 26.81 16.64
C MET A 146 -10.47 26.92 17.71
N ILE A 147 -9.25 27.22 17.32
CA ILE A 147 -8.22 27.39 18.30
C ILE A 147 -8.62 28.57 19.20
N LYS A 148 -8.87 29.71 18.61
CA LYS A 148 -9.24 30.88 19.37
C LYS A 148 -10.43 30.67 20.31
N GLU A 149 -11.42 29.90 19.89
CA GLU A 149 -12.54 29.68 20.77
C GLU A 149 -12.28 28.68 21.82
N ASN A 150 -11.20 27.92 21.71
CA ASN A 150 -10.85 26.91 22.68
C ASN A 150 -9.39 26.85 22.98
N PRO A 151 -8.82 27.89 23.53
CA PRO A 151 -7.41 27.85 23.87
C PRO A 151 -7.03 26.66 24.70
N GLY A 152 -5.85 26.13 24.43
CA GLY A 152 -5.29 25.06 25.19
C GLY A 152 -5.69 23.67 24.75
N LYS A 153 -6.75 23.57 23.99
CA LYS A 153 -7.41 22.31 23.65
C LYS A 153 -6.67 21.61 22.47
N TYR A 154 -6.19 22.40 21.51
CA TYR A 154 -5.66 21.89 20.24
C TYR A 154 -4.17 21.92 20.03
N PHE A 155 -3.63 20.83 19.51
CA PHE A 155 -2.30 20.84 18.89
C PHE A 155 -2.40 20.88 17.35
N VAL A 156 -1.85 21.94 16.76
CA VAL A 156 -1.85 22.13 15.31
C VAL A 156 -0.61 21.49 14.67
N ALA A 157 -0.83 20.56 13.75
CA ALA A 157 0.27 19.85 13.13
C ALA A 157 1.17 20.83 12.40
N ASN A 158 0.56 21.76 11.62
CA ASN A 158 1.29 22.88 10.95
C ASN A 158 2.35 22.35 9.98
N GLN A 159 1.94 21.49 9.00
CA GLN A 159 2.89 20.69 8.23
C GLN A 159 3.87 21.54 7.45
N PHE A 160 3.48 22.76 7.02
CA PHE A 160 4.40 23.59 6.24
C PHE A 160 5.38 24.41 7.08
N GLY A 161 5.17 24.48 8.40
CA GLY A 161 6.07 25.28 9.29
C GLY A 161 6.73 24.47 10.39
N ASN A 162 6.40 23.19 10.49
CA ASN A 162 6.86 22.34 11.59
C ASN A 162 8.15 21.58 11.21
N PRO A 163 9.29 21.90 11.88
CA PRO A 163 10.54 21.22 11.54
C PRO A 163 10.55 19.72 11.88
N ASP A 164 9.56 19.19 12.64
CA ASP A 164 9.46 17.74 12.84
C ASP A 164 9.09 17.01 11.54
N ASN A 165 8.52 17.75 10.61
CA ASN A 165 8.31 17.27 9.26
C ASN A 165 9.71 17.00 8.64
N THR A 166 10.45 18.11 8.36
CA THR A 166 11.76 18.03 7.80
C THR A 166 12.58 16.94 8.51
N ALA A 167 12.55 16.90 9.85
CA ALA A 167 13.46 16.03 10.63
C ALA A 167 13.13 14.55 10.36
N ALA A 168 11.85 14.25 10.06
CA ALA A 168 11.48 12.83 9.79
C ALA A 168 12.29 12.28 8.62
N HIS A 169 12.66 13.15 7.70
CA HIS A 169 13.39 12.73 6.51
C HIS A 169 14.88 12.60 6.66
N HIS A 170 15.39 12.82 7.88
CA HIS A 170 16.75 12.32 8.17
C HIS A 170 16.82 10.78 8.10
N TYR A 171 15.70 10.13 8.43
CA TYR A 171 15.67 8.65 8.22
C TYR A 171 15.61 8.34 6.76
N THR A 172 14.75 9.05 6.04
CA THR A 172 14.69 8.87 4.60
C THR A 172 16.11 8.96 3.97
N ALA A 173 16.89 9.94 4.41
CA ALA A 173 18.24 10.16 3.96
C ALA A 173 19.17 8.97 4.29
N ASN A 174 19.14 8.57 5.55
CA ASN A 174 19.94 7.46 6.03
C ASN A 174 19.68 6.21 5.20
N GLU A 175 18.41 5.98 4.88
CA GLU A 175 18.03 4.82 4.05
C GLU A 175 18.64 4.93 2.66
N ILE A 176 18.60 6.10 2.06
CA ILE A 176 19.19 6.25 0.71
C ILE A 176 20.69 5.99 0.78
N TRP A 177 21.33 6.59 1.77
CA TRP A 177 22.83 6.39 1.95
C TRP A 177 23.18 4.91 2.14
N GLU A 178 22.52 4.22 3.06
CA GLU A 178 22.83 2.82 3.35
C GLU A 178 22.48 1.93 2.17
N ASP A 179 21.29 2.15 1.56
CA ASP A 179 20.87 1.26 0.46
C ASP A 179 21.80 1.42 -0.73
N THR A 180 22.33 2.59 -0.97
CA THR A 180 23.22 2.77 -2.10
C THR A 180 24.68 2.54 -1.73
N ASP A 181 24.91 2.10 -0.53
CA ASP A 181 26.26 1.96 -0.05
C ASP A 181 27.14 3.17 -0.22
N GLY A 182 26.63 4.32 0.10
CA GLY A 182 27.29 5.60 -0.17
C GLY A 182 27.51 6.05 -1.62
N GLU A 183 26.87 5.37 -2.60
CA GLU A 183 27.11 5.70 -4.01
C GLU A 183 26.14 6.75 -4.56
N VAL A 184 25.08 7.06 -3.83
CA VAL A 184 24.15 8.07 -4.36
C VAL A 184 24.88 9.34 -4.83
N ASP A 185 24.55 9.87 -6.01
CA ASP A 185 25.12 11.12 -6.54
C ASP A 185 24.12 12.27 -6.61
N ILE A 186 22.86 11.97 -6.95
CA ILE A 186 21.83 12.98 -7.23
C ILE A 186 20.50 12.49 -6.59
N VAL A 187 19.76 13.34 -5.89
CA VAL A 187 18.42 12.93 -5.35
C VAL A 187 17.40 13.88 -5.94
N VAL A 188 16.27 13.37 -6.40
CA VAL A 188 15.26 14.22 -7.03
C VAL A 188 14.00 14.07 -6.20
N SER A 189 13.40 15.19 -5.81
CA SER A 189 12.22 15.15 -4.95
C SER A 189 11.26 16.22 -5.44
N ALA A 190 10.03 15.83 -5.77
CA ALA A 190 8.92 16.80 -6.02
C ALA A 190 8.43 17.44 -4.74
N VAL A 191 8.23 18.76 -4.80
CA VAL A 191 8.07 19.53 -3.54
C VAL A 191 6.64 19.89 -3.18
N GLY A 192 6.17 19.44 -2.00
CA GLY A 192 4.87 19.85 -1.50
C GLY A 192 5.09 20.68 -0.29
N THR A 193 5.22 20.04 0.87
CA THR A 193 5.71 20.79 2.03
C THR A 193 7.19 21.16 2.00
N SER A 194 7.98 20.40 1.22
CA SER A 194 9.47 20.42 1.17
C SER A 194 10.17 19.69 2.26
N GLY A 195 9.42 19.04 3.15
CA GLY A 195 10.07 18.28 4.26
C GLY A 195 11.02 17.27 3.65
N THR A 196 10.57 16.53 2.61
CA THR A 196 11.46 15.48 2.01
C THR A 196 12.71 16.07 1.38
N VAL A 197 12.54 17.06 0.50
CA VAL A 197 13.79 17.57 -0.20
C VAL A 197 14.79 18.14 0.80
N ILE A 198 14.31 18.92 1.78
CA ILE A 198 15.23 19.57 2.73
C ILE A 198 15.77 18.60 3.76
N GLY A 199 14.88 17.73 4.28
CA GLY A 199 15.33 16.78 5.30
C GLY A 199 16.31 15.82 4.72
N VAL A 200 16.00 15.33 3.51
CA VAL A 200 16.99 14.47 2.85
C VAL A 200 18.34 15.19 2.58
N ALA A 201 18.23 16.40 2.04
CA ALA A 201 19.43 17.21 1.75
C ALA A 201 20.34 17.49 2.95
N GLU A 202 19.71 17.91 4.06
CA GLU A 202 20.41 18.22 5.32
C GLU A 202 21.29 17.06 5.74
N LYS A 203 20.63 15.90 5.78
CA LYS A 203 21.26 14.69 6.28
C LYS A 203 22.24 14.13 5.25
N LEU A 204 21.91 14.12 3.97
CA LEU A 204 22.91 13.62 3.02
C LEU A 204 24.13 14.52 2.91
N LYS A 205 23.92 15.83 2.99
CA LYS A 205 25.08 16.78 2.81
C LYS A 205 26.01 16.65 4.02
N GLU A 206 25.44 16.20 5.13
CA GLU A 206 26.25 15.86 6.31
C GLU A 206 27.11 14.66 5.99
N LYS A 207 26.62 13.77 5.12
CA LYS A 207 27.41 12.60 4.74
C LYS A 207 28.39 12.86 3.60
N LYS A 208 27.98 13.67 2.63
CA LYS A 208 28.79 13.86 1.42
C LYS A 208 28.37 15.23 0.85
N LYS A 209 29.20 16.23 0.94
CA LYS A 209 28.82 17.51 0.35
C LYS A 209 28.77 17.33 -1.18
N GLY A 210 28.00 18.05 -1.91
CA GLY A 210 28.20 17.67 -3.31
C GLY A 210 27.45 16.48 -3.90
N ILE A 211 26.66 15.80 -3.10
CA ILE A 211 25.48 15.17 -3.59
C ILE A 211 24.60 16.30 -4.15
N LYS A 212 24.07 16.09 -5.33
CA LYS A 212 23.25 17.07 -5.97
C LYS A 212 21.78 16.90 -5.62
N ILE A 213 21.15 17.94 -5.12
CA ILE A 213 19.74 17.87 -4.65
C ILE A 213 18.86 18.70 -5.61
N ILE A 214 17.85 18.06 -6.20
CA ILE A 214 17.00 18.67 -7.23
C ILE A 214 15.58 18.67 -6.75
N ALA A 215 14.97 19.86 -6.68
CA ALA A 215 13.58 19.99 -6.31
C ALA A 215 12.79 19.99 -7.62
N VAL A 216 11.56 19.46 -7.57
CA VAL A 216 10.70 19.44 -8.77
C VAL A 216 9.37 20.14 -8.37
N GLU A 217 8.82 20.98 -9.27
CA GLU A 217 7.57 21.64 -9.03
C GLU A 217 6.84 21.80 -10.35
N PRO A 218 5.50 22.10 -10.34
CA PRO A 218 4.72 22.13 -11.61
C PRO A 218 5.16 23.37 -12.41
N GLU A 219 5.39 23.18 -13.71
CA GLU A 219 5.61 24.38 -14.54
C GLU A 219 4.53 25.47 -14.40
N GLU A 220 3.30 25.07 -14.13
CA GLU A 220 2.17 25.96 -14.09
C GLU A 220 2.12 26.67 -12.75
N SER A 221 2.96 26.24 -11.79
CA SER A 221 2.95 26.93 -10.48
C SER A 221 4.36 26.98 -9.88
N ALA A 222 5.31 27.54 -10.66
CA ALA A 222 6.74 27.43 -10.33
C ALA A 222 7.25 28.44 -9.27
N VAL A 223 6.70 28.34 -8.05
CA VAL A 223 6.87 29.37 -7.00
C VAL A 223 8.30 29.27 -6.46
N LEU A 224 8.88 28.10 -6.45
CA LEU A 224 10.23 28.04 -5.92
C LEU A 224 11.19 28.77 -6.85
N GLU A 225 10.84 28.80 -8.13
CA GLU A 225 11.72 29.45 -9.14
C GLU A 225 11.31 30.94 -9.30
N GLY A 226 10.42 31.43 -8.45
CA GLY A 226 10.06 32.88 -8.30
C GLY A 226 8.87 33.22 -9.17
N LYS A 227 8.18 32.21 -9.71
CA LYS A 227 6.95 32.49 -10.50
C LYS A 227 5.75 32.62 -9.57
N ALA A 228 4.56 32.98 -10.09
CA ALA A 228 3.39 33.10 -9.26
C ALA A 228 2.64 31.77 -9.09
N LYS A 229 1.86 31.67 -8.01
CA LYS A 229 0.98 30.53 -7.85
C LYS A 229 0.03 30.51 -9.04
N GLY A 230 -0.18 29.34 -9.64
CA GLY A 230 -1.18 29.20 -10.66
C GLY A 230 -1.83 27.84 -10.65
N PRO A 231 -2.87 27.69 -11.47
CA PRO A 231 -3.60 26.41 -11.51
C PRO A 231 -2.72 25.30 -12.10
N HIS A 232 -2.72 24.15 -11.45
CA HIS A 232 -2.00 23.03 -12.01
C HIS A 232 -2.67 21.73 -11.58
N GLY A 233 -2.21 20.62 -12.12
CA GLY A 233 -2.88 19.35 -11.88
C GLY A 233 -1.99 18.26 -11.21
N ILE A 234 -0.84 18.65 -10.66
CA ILE A 234 0.01 17.62 -10.00
C ILE A 234 -0.32 17.51 -8.52
N GLN A 235 -1.23 16.62 -8.21
CA GLN A 235 -1.68 16.45 -6.83
C GLN A 235 -0.52 16.13 -5.88
N GLY A 236 -0.56 16.76 -4.71
CA GLY A 236 0.47 16.59 -3.68
C GLY A 236 1.61 17.58 -3.70
N ILE A 237 1.79 18.33 -4.82
CA ILE A 237 2.88 19.31 -4.88
C ILE A 237 2.36 20.68 -5.36
N GLY A 238 3.28 21.61 -5.58
CA GLY A 238 2.81 22.98 -6.01
C GLY A 238 1.84 23.64 -5.05
N ALA A 239 2.30 23.86 -3.80
CA ALA A 239 1.39 24.44 -2.75
C ALA A 239 1.01 25.92 -3.05
N GLY A 240 1.78 26.59 -3.86
CA GLY A 240 1.43 27.96 -4.28
C GLY A 240 2.13 28.99 -3.42
N PHE A 241 3.04 28.57 -2.53
CA PHE A 241 3.85 29.50 -1.66
C PHE A 241 5.12 28.77 -1.30
N ILE A 242 6.11 29.47 -0.76
CA ILE A 242 7.35 28.86 -0.30
C ILE A 242 7.14 28.43 1.15
N PRO A 243 7.15 27.13 1.43
CA PRO A 243 6.87 26.74 2.84
C PRO A 243 7.89 27.33 3.80
N ASP A 244 7.47 27.59 5.03
CA ASP A 244 8.40 28.17 6.00
C ASP A 244 9.52 27.21 6.31
N ILE A 245 9.30 25.90 6.09
CA ILE A 245 10.37 24.95 6.32
C ILE A 245 11.36 24.79 5.18
N TYR A 246 11.09 25.41 4.04
CA TYR A 246 12.01 25.31 2.94
C TYR A 246 13.32 26.02 3.25
N LYS A 247 14.45 25.42 2.90
CA LYS A 247 15.80 26.07 3.12
C LYS A 247 16.51 26.02 1.75
N LYS A 248 16.42 27.10 0.99
CA LYS A 248 16.97 27.19 -0.37
C LYS A 248 18.46 26.84 -0.53
N GLU A 249 19.25 27.09 0.52
CA GLU A 249 20.67 26.77 0.53
C GLU A 249 20.92 25.26 0.26
N PHE A 250 19.96 24.43 0.58
CA PHE A 250 20.19 22.97 0.47
C PHE A 250 19.77 22.39 -0.86
N VAL A 251 19.15 23.21 -1.72
CA VAL A 251 18.65 22.75 -3.03
C VAL A 251 19.55 23.28 -4.13
N ASP A 252 20.07 22.39 -4.96
CA ASP A 252 21.02 22.76 -6.01
C ASP A 252 20.38 23.16 -7.30
N GLU A 253 19.28 22.52 -7.68
CA GLU A 253 18.60 22.89 -8.89
C GLU A 253 17.11 22.66 -8.71
N ILE A 254 16.30 23.39 -9.46
CA ILE A 254 14.80 23.28 -9.43
C ILE A 254 14.37 23.01 -10.87
N ILE A 255 13.68 21.90 -11.06
CA ILE A 255 13.18 21.53 -12.40
C ILE A 255 11.64 21.64 -12.46
N PRO A 256 11.12 22.46 -13.37
CA PRO A 256 9.66 22.59 -13.52
C PRO A 256 9.16 21.50 -14.42
N ILE A 257 8.01 20.91 -14.10
CA ILE A 257 7.47 19.83 -15.02
C ILE A 257 6.06 20.16 -15.32
N LYS A 258 5.67 20.11 -16.59
CA LYS A 258 4.26 20.36 -16.92
C LYS A 258 3.36 19.25 -16.33
N THR A 259 2.18 19.66 -15.86
CA THR A 259 1.17 18.74 -15.36
C THR A 259 0.95 17.57 -16.33
N GLN A 260 0.77 17.84 -17.62
CA GLN A 260 0.43 16.76 -18.51
C GLN A 260 1.58 15.79 -18.71
N ASP A 261 2.80 16.29 -18.70
CA ASP A 261 3.99 15.47 -18.81
C ASP A 261 4.21 14.58 -17.59
N ALA A 262 3.96 15.12 -16.37
CA ALA A 262 3.95 14.31 -15.14
C ALA A 262 2.98 13.13 -15.28
N TRP A 263 1.76 13.40 -15.77
CA TRP A 263 0.79 12.29 -15.87
C TRP A 263 1.23 11.28 -16.89
N LYS A 264 1.73 11.74 -18.01
CA LYS A 264 2.21 10.84 -19.06
C LYS A 264 3.43 10.00 -18.63
N MET A 265 4.36 10.60 -17.90
CA MET A 265 5.43 9.80 -17.30
C MET A 265 4.88 8.71 -16.35
N ALA A 266 3.96 9.08 -15.45
CA ALA A 266 3.46 8.09 -14.52
C ALA A 266 2.79 6.95 -15.31
N ARG A 267 2.05 7.25 -16.37
CA ARG A 267 1.48 6.18 -17.20
C ARG A 267 2.57 5.23 -17.78
N ALA A 268 3.65 5.79 -18.31
CA ALA A 268 4.75 5.03 -18.84
C ALA A 268 5.45 4.19 -17.73
N VAL A 269 5.62 4.76 -16.51
CA VAL A 269 6.34 3.97 -15.46
C VAL A 269 5.50 2.69 -15.13
N VAL A 270 4.18 2.83 -14.96
CA VAL A 270 3.43 1.55 -14.61
C VAL A 270 3.40 0.57 -15.79
N LYS A 271 3.29 1.12 -16.99
CA LYS A 271 3.30 0.26 -18.20
C LYS A 271 4.65 -0.47 -18.44
N TYR A 272 5.78 0.25 -18.40
CA TYR A 272 7.04 -0.33 -18.77
C TYR A 272 7.91 -0.83 -17.60
N ASP A 273 7.63 -0.38 -16.38
CA ASP A 273 8.37 -0.96 -15.26
C ASP A 273 7.44 -1.69 -14.29
N GLY A 274 6.11 -1.59 -14.44
CA GLY A 274 5.28 -2.36 -13.50
C GLY A 274 5.17 -1.72 -12.15
N ILE A 275 5.51 -0.43 -12.08
CA ILE A 275 5.55 0.36 -10.85
C ILE A 275 4.43 1.39 -10.88
N MET A 276 3.39 1.20 -10.03
CA MET A 276 2.22 2.10 -10.09
C MET A 276 2.32 3.42 -9.29
N CYS A 277 3.11 4.34 -9.80
CA CYS A 277 3.35 5.53 -9.09
C CYS A 277 2.28 6.59 -9.37
N GLY A 278 2.17 7.54 -8.43
CA GLY A 278 1.18 8.66 -8.54
C GLY A 278 1.75 9.81 -9.35
N MET A 279 1.00 10.92 -9.37
CA MET A 279 1.24 12.00 -10.32
C MET A 279 2.54 12.77 -10.00
N SER A 280 2.75 13.03 -8.74
CA SER A 280 3.99 13.76 -8.36
C SER A 280 5.20 12.90 -8.63
N SER A 281 5.05 11.59 -8.54
CA SER A 281 6.14 10.71 -8.91
C SER A 281 6.48 10.78 -10.38
N GLY A 282 5.43 10.89 -11.23
CA GLY A 282 5.62 11.08 -12.65
C GLY A 282 6.46 12.30 -12.86
N ALA A 283 6.19 13.37 -12.13
CA ALA A 283 7.01 14.58 -12.28
C ALA A 283 8.49 14.36 -11.87
N ALA A 284 8.72 13.79 -10.69
CA ALA A 284 10.07 13.53 -10.19
C ALA A 284 10.83 12.61 -11.15
N ILE A 285 10.16 11.59 -11.67
CA ILE A 285 10.85 10.61 -12.47
C ILE A 285 11.23 11.26 -13.81
N LEU A 286 10.33 12.05 -14.39
CA LEU A 286 10.72 12.69 -15.68
C LEU A 286 11.91 13.60 -15.42
N ALA A 287 11.88 14.39 -14.34
CA ALA A 287 13.08 15.21 -14.02
C ALA A 287 14.34 14.37 -13.87
N GLY A 288 14.19 13.18 -13.29
CA GLY A 288 15.33 12.30 -13.07
C GLY A 288 15.87 11.72 -14.37
N LEU A 289 14.97 11.41 -15.31
CA LEU A 289 15.38 10.89 -16.60
C LEU A 289 16.10 11.96 -17.40
N LYS A 290 15.60 13.17 -17.28
CA LYS A 290 16.22 14.36 -17.91
C LYS A 290 17.63 14.56 -17.36
N GLU A 291 17.84 14.34 -16.06
CA GLU A 291 19.23 14.31 -15.55
C GLU A 291 20.02 13.16 -16.08
N ALA A 292 19.39 12.00 -16.18
CA ALA A 292 20.14 10.80 -16.52
C ALA A 292 20.69 10.87 -17.98
N GLU A 293 20.11 11.73 -18.84
CA GLU A 293 20.56 11.79 -20.23
C GLU A 293 21.65 12.86 -20.43
N LYS A 294 21.92 13.68 -19.44
CA LYS A 294 23.02 14.68 -19.53
C LYS A 294 24.38 13.98 -19.56
N PRO A 295 25.27 14.39 -20.44
CA PRO A 295 26.59 13.76 -20.51
C PRO A 295 27.37 13.77 -19.22
N GLU A 296 27.35 14.87 -18.49
CA GLU A 296 28.04 14.99 -17.21
C GLU A 296 27.59 13.99 -16.23
N ASN A 297 26.40 13.44 -16.44
CA ASN A 297 25.93 12.50 -15.37
C ASN A 297 26.16 11.01 -15.70
N GLU A 298 26.90 10.68 -16.79
CA GLU A 298 27.12 9.26 -17.14
C GLU A 298 27.70 8.50 -15.94
N GLY A 299 27.12 7.33 -15.64
CA GLY A 299 27.63 6.46 -14.60
C GLY A 299 27.24 6.88 -13.18
N LYS A 300 26.56 8.00 -13.04
CA LYS A 300 26.14 8.43 -11.72
C LYS A 300 24.92 7.59 -11.22
N THR A 301 24.66 7.69 -9.92
CA THR A 301 23.51 7.01 -9.29
C THR A 301 22.50 8.10 -8.88
N ILE A 302 21.30 7.99 -9.46
CA ILE A 302 20.34 9.06 -9.32
C ILE A 302 19.14 8.39 -8.56
N VAL A 303 18.68 9.01 -7.49
CA VAL A 303 17.62 8.43 -6.65
C VAL A 303 16.44 9.38 -6.71
N ILE A 304 15.26 8.83 -7.00
CA ILE A 304 14.12 9.67 -7.26
C ILE A 304 13.09 9.28 -6.19
N ILE A 305 12.56 10.24 -5.44
CA ILE A 305 11.53 9.86 -4.45
C ILE A 305 10.17 9.64 -5.11
N VAL A 306 9.48 8.54 -4.79
CA VAL A 306 8.13 8.31 -5.31
C VAL A 306 7.14 8.39 -4.14
N PRO A 307 6.38 9.51 -3.98
CA PRO A 307 5.66 9.72 -2.72
C PRO A 307 4.38 8.91 -2.54
N SER A 308 3.80 8.40 -3.62
CA SER A 308 2.46 7.79 -3.48
C SER A 308 2.22 6.85 -4.65
N CYS A 309 1.13 6.03 -4.56
CA CYS A 309 0.79 4.96 -5.53
C CYS A 309 -0.36 5.52 -6.42
N GLY A 310 -0.41 5.17 -7.72
CA GLY A 310 -1.56 5.48 -8.54
C GLY A 310 -2.97 5.08 -8.07
N GLU A 311 -3.12 4.08 -7.19
CA GLU A 311 -4.47 3.68 -6.72
C GLU A 311 -5.27 4.82 -6.01
N ARG A 312 -4.55 5.73 -5.42
CA ARG A 312 -5.19 6.85 -4.74
C ARG A 312 -5.68 7.94 -5.78
N TYR A 313 -5.48 7.70 -7.10
CA TYR A 313 -5.78 8.67 -8.17
C TYR A 313 -6.82 8.17 -9.23
N LEU A 314 -7.50 7.08 -8.91
CA LEU A 314 -8.39 6.43 -9.90
C LEU A 314 -9.62 7.32 -10.27
N SER A 315 -10.04 8.19 -9.37
CA SER A 315 -11.14 9.14 -9.67
C SER A 315 -10.66 10.41 -10.38
N THR A 316 -9.33 10.55 -10.57
CA THR A 316 -8.75 11.65 -11.35
C THR A 316 -8.63 11.28 -12.82
N ASP A 317 -8.03 12.20 -13.58
CA ASP A 317 -7.75 12.06 -15.03
C ASP A 317 -6.43 11.29 -15.38
N LEU A 318 -5.63 10.96 -14.35
CA LEU A 318 -4.31 10.26 -14.50
C LEU A 318 -4.30 9.18 -15.60
N TYR A 319 -5.21 8.20 -15.48
CA TYR A 319 -5.23 7.04 -16.42
C TYR A 319 -6.24 7.14 -17.54
N LYS A 320 -6.95 8.25 -17.59
CA LYS A 320 -8.10 8.34 -18.51
C LYS A 320 -7.67 8.78 -19.93
N ILE A 321 -6.53 9.45 -20.04
CA ILE A 321 -5.89 9.87 -21.29
C ILE A 321 -5.07 8.69 -21.87
N LYS A 322 -5.37 8.26 -23.09
CA LYS A 322 -4.51 7.24 -23.71
C LYS A 322 -3.39 7.92 -24.51
N ASP A 323 -2.26 7.21 -24.62
CA ASP A 323 -1.01 7.67 -25.24
C ASP A 323 -0.75 6.89 -26.52
N GLU A 324 -0.49 7.61 -27.62
CA GLU A 324 -0.10 7.02 -28.91
C GLU A 324 1.40 6.74 -28.96
N GLY A 325 1.78 5.66 -29.64
CA GLY A 325 3.18 5.43 -30.00
C GLY A 325 3.81 4.20 -29.39
N THR A 326 4.98 3.87 -29.92
CA THR A 326 5.88 2.88 -29.30
C THR A 326 6.49 3.41 -27.95
N LYS A 327 7.05 2.54 -27.11
CA LYS A 327 7.75 2.97 -25.90
C LYS A 327 8.77 4.03 -26.25
N ILE A 328 9.64 3.73 -27.21
CA ILE A 328 10.66 4.70 -27.61
C ILE A 328 10.04 6.05 -28.04
N GLN A 329 8.87 6.02 -28.71
CA GLN A 329 8.17 7.26 -29.10
C GLN A 329 7.69 8.04 -27.89
N ILE A 330 7.16 7.31 -26.91
CA ILE A 330 6.60 7.93 -25.73
C ILE A 330 7.71 8.62 -24.96
N LEU A 331 8.86 7.94 -24.81
CA LEU A 331 10.00 8.46 -24.05
C LEU A 331 10.66 9.60 -24.79
N ASP A 332 10.77 9.49 -26.11
CA ASP A 332 11.29 10.59 -26.87
C ASP A 332 10.41 11.80 -26.73
N SER A 333 9.07 11.65 -26.77
CA SER A 333 8.18 12.81 -26.63
C SER A 333 8.24 13.44 -25.20
N LEU A 334 8.62 12.64 -24.22
CA LEU A 334 8.72 13.16 -22.85
C LEU A 334 10.02 13.95 -22.71
N LEU A 335 11.11 13.43 -23.28
CA LEU A 335 12.42 14.05 -23.12
C LEU A 335 12.65 15.20 -24.05
N ASN A 336 11.94 15.23 -25.18
CA ASN A 336 12.10 16.30 -26.15
C ASN A 336 11.36 17.57 -25.73
N GLU A 337 11.59 18.66 -26.46
CA GLU A 337 10.95 19.93 -26.17
C GLU A 337 10.20 19.88 -24.84
N PRO B 2 -3.42 23.86 -3.67
CA PRO B 2 -3.18 23.28 -2.30
C PRO B 2 -4.21 22.21 -1.80
N SER B 3 -3.72 20.99 -1.61
CA SER B 3 -4.40 19.92 -0.84
C SER B 3 -3.47 19.45 0.32
N ILE B 4 -2.66 18.45 -0.07
CA ILE B 4 -1.42 18.03 0.59
C ILE B 4 -1.49 17.55 2.05
N GLU C 2 5.96 3.60 25.36
CA GLU C 2 7.28 3.07 25.04
C GLU C 2 8.11 3.89 24.02
N GLN C 3 9.35 3.52 23.87
CA GLN C 3 10.11 4.02 22.79
C GLN C 3 9.51 3.40 21.53
N ILE C 4 9.24 4.20 20.52
CA ILE C 4 8.72 3.69 19.27
C ILE C 4 9.78 3.91 18.22
N SER C 5 10.16 2.86 17.53
CA SER C 5 11.23 2.96 16.58
C SER C 5 10.75 2.62 15.22
N ILE C 6 11.13 3.42 14.24
CA ILE C 6 10.64 3.08 12.91
C ILE C 6 11.57 2.03 12.29
N SER C 7 11.24 1.58 11.08
CA SER C 7 11.99 0.55 10.42
C SER C 7 13.34 1.01 9.93
N SER C 8 14.30 0.10 9.98
CA SER C 8 15.63 0.34 9.49
C SER C 8 15.74 0.21 7.97
N PRO C 9 16.80 0.73 7.40
CA PRO C 9 17.02 0.59 5.97
C PRO C 9 17.04 -0.86 5.56
N ARG C 10 16.52 -1.16 4.38
CA ARG C 10 16.50 -2.52 3.87
C ARG C 10 17.91 -3.00 3.54
N LYS C 11 18.82 -2.06 3.28
CA LYS C 11 20.21 -2.39 2.78
C LYS C 11 20.19 -3.31 1.53
N ARG C 12 19.40 -2.96 0.51
CA ARG C 12 19.20 -3.82 -0.70
C ARG C 12 18.84 -2.78 -1.74
N ILE C 13 19.27 -2.99 -2.99
CA ILE C 13 18.69 -2.32 -4.13
C ILE C 13 18.04 -3.43 -4.96
N TYR C 14 16.75 -3.25 -5.19
CA TYR C 14 15.90 -4.29 -5.80
C TYR C 14 16.04 -4.11 -7.32
N HIS C 15 16.17 -5.22 -8.04
CA HIS C 15 16.42 -5.12 -9.47
C HIS C 15 15.12 -4.74 -10.24
N ASN C 16 14.00 -5.03 -9.62
CA ASN C 16 12.71 -4.69 -10.17
C ASN C 16 11.68 -4.88 -9.07
N ILE C 17 10.45 -4.51 -9.32
CA ILE C 17 9.43 -4.43 -8.28
C ILE C 17 9.06 -5.81 -7.73
N LEU C 18 9.26 -6.86 -8.53
CA LEU C 18 8.93 -8.19 -8.05
C LEU C 18 9.80 -8.62 -6.93
N GLU C 19 11.04 -8.09 -6.85
CA GLU C 19 11.86 -8.50 -5.73
C GLU C 19 11.41 -7.89 -4.40
N THR C 20 10.45 -6.96 -4.44
CA THR C 20 9.95 -6.35 -3.20
C THR C 20 8.73 -7.11 -2.69
N ILE C 21 8.36 -8.19 -3.39
CA ILE C 21 7.21 -9.01 -2.87
C ILE C 21 7.70 -9.83 -1.68
N GLY C 22 6.77 -10.13 -0.78
CA GLY C 22 7.05 -10.93 0.39
C GLY C 22 7.77 -10.19 1.51
N GLY C 23 8.24 -10.95 2.49
CA GLY C 23 8.93 -10.42 3.72
C GLY C 23 8.01 -9.33 4.34
N THR C 24 6.71 -9.66 4.47
CA THR C 24 5.77 -8.70 5.01
C THR C 24 5.76 -8.66 6.55
N PRO C 25 5.37 -7.49 7.12
CA PRO C 25 5.61 -7.36 8.56
C PRO C 25 4.60 -8.09 9.46
N LEU C 26 5.09 -8.49 10.63
CA LEU C 26 4.20 -9.18 11.59
C LEU C 26 4.05 -8.15 12.74
N VAL C 27 2.80 -7.75 13.03
CA VAL C 27 2.54 -6.60 13.87
C VAL C 27 1.70 -7.08 15.06
N GLU C 28 2.02 -6.66 16.30
CA GLU C 28 1.09 -6.99 17.40
C GLU C 28 -0.20 -6.19 17.38
N LEU C 29 -1.32 -6.85 17.68
CA LEU C 29 -2.57 -6.16 17.99
C LEU C 29 -2.59 -5.85 19.48
N HIS C 30 -3.11 -4.68 19.82
CA HIS C 30 -3.25 -4.26 21.24
C HIS C 30 -4.68 -3.73 21.50
N GLY C 31 -5.12 -2.76 20.75
CA GLY C 31 -6.39 -2.16 20.97
C GLY C 31 -7.57 -3.11 21.02
N VAL C 32 -7.68 -3.93 19.98
CA VAL C 32 -8.80 -4.83 19.87
C VAL C 32 -8.66 -6.11 20.72
N THR C 33 -7.56 -6.26 21.42
CA THR C 33 -7.38 -7.38 22.30
C THR C 33 -7.70 -7.07 23.76
N GLU C 34 -8.14 -5.86 24.04
CA GLU C 34 -8.38 -5.41 25.40
C GLU C 34 -9.80 -5.74 25.81
N HIS C 35 -9.97 -6.99 26.17
CA HIS C 35 -11.29 -7.52 26.58
C HIS C 35 -11.03 -8.51 27.73
N PRO C 36 -11.92 -8.55 28.74
CA PRO C 36 -11.55 -9.31 29.91
C PRO C 36 -11.29 -10.81 29.62
N ARG C 37 -11.90 -11.37 28.57
CA ARG C 37 -11.73 -12.81 28.26
C ARG C 37 -10.45 -13.21 27.45
N ILE C 38 -9.76 -12.20 26.93
CA ILE C 38 -8.38 -12.35 26.46
C ILE C 38 -7.25 -12.11 27.52
N LYS C 39 -6.42 -13.10 27.75
CA LYS C 39 -5.35 -12.95 28.74
C LYS C 39 -4.14 -12.10 28.37
N LYS C 40 -3.54 -11.45 29.34
CA LYS C 40 -2.35 -10.63 29.09
C LYS C 40 -1.20 -11.38 28.34
N GLY C 41 -1.05 -12.68 28.60
CA GLY C 41 0.09 -13.43 28.02
C GLY C 41 -0.01 -13.87 26.57
N THR C 42 -1.24 -14.04 26.08
CA THR C 42 -1.38 -14.48 24.71
C THR C 42 -1.04 -13.38 23.71
N ARG C 43 -0.29 -13.72 22.66
CA ARG C 43 0.20 -12.70 21.74
C ARG C 43 -0.56 -12.85 20.45
N ILE C 44 -1.23 -11.78 20.01
CA ILE C 44 -2.03 -11.82 18.80
C ILE C 44 -1.39 -10.94 17.75
N LEU C 45 -0.92 -11.53 16.65
CA LEU C 45 -0.12 -10.81 15.71
C LEU C 45 -0.82 -10.84 14.38
N VAL C 46 -0.70 -9.77 13.59
CA VAL C 46 -1.26 -9.80 12.23
C VAL C 46 -0.10 -9.70 11.21
N LYS C 47 -0.17 -10.50 10.13
CA LYS C 47 0.82 -10.46 9.04
C LYS C 47 0.20 -9.65 7.86
N LEU C 48 0.77 -8.49 7.60
CA LEU C 48 0.10 -7.48 6.78
C LEU C 48 0.50 -7.64 5.34
N GLU C 49 -0.26 -8.40 4.60
CA GLU C 49 0.14 -8.75 3.23
C GLU C 49 -0.12 -7.64 2.28
N TYR C 50 -0.72 -6.53 2.77
CA TYR C 50 -0.82 -5.34 1.90
C TYR C 50 0.49 -4.53 1.81
N PHE C 51 1.55 -4.98 2.51
CA PHE C 51 2.89 -4.42 2.32
C PHE C 51 3.49 -4.90 1.01
N ASN C 52 2.91 -5.92 0.39
CA ASN C 52 3.31 -6.23 -1.05
C ASN C 52 3.16 -5.04 -2.01
N PRO C 53 3.91 -5.01 -3.16
CA PRO C 53 3.92 -3.73 -3.97
C PRO C 53 2.55 -3.32 -4.54
N MET C 54 1.65 -4.30 -4.79
CA MET C 54 0.29 -3.93 -5.18
C MET C 54 -0.73 -4.15 -4.08
N SER C 55 -0.27 -4.24 -2.83
CA SER C 55 -1.16 -4.16 -1.66
C SER C 55 -2.09 -5.36 -1.44
N SER C 56 -1.64 -6.53 -1.86
CA SER C 56 -2.36 -7.72 -1.38
C SER C 56 -1.51 -8.94 -1.44
N VAL C 57 -1.94 -9.95 -0.70
CA VAL C 57 -1.37 -11.29 -0.73
C VAL C 57 -1.18 -11.87 -2.15
N ASP C 59 -0.02 -10.71 -4.74
CA ASP C 59 1.28 -10.42 -5.41
C ASP C 59 2.21 -11.66 -5.42
N ARG C 60 2.22 -12.40 -4.31
CA ARG C 60 3.03 -13.59 -4.22
C ARG C 60 2.58 -14.64 -5.22
N VAL C 61 1.27 -14.70 -5.40
CA VAL C 61 0.64 -15.73 -6.27
C VAL C 61 0.78 -15.42 -7.78
N GLY C 62 0.47 -14.19 -8.18
CA GLY C 62 0.75 -13.79 -9.56
C GLY C 62 2.22 -13.91 -9.93
N PHE C 63 3.08 -13.51 -9.01
CA PHE C 63 4.49 -13.70 -9.27
C PHE C 63 4.87 -15.18 -9.47
N ASN C 64 4.53 -16.00 -8.50
CA ASN C 64 5.09 -17.37 -8.56
C ASN C 64 4.44 -18.19 -9.68
N ILE C 65 3.16 -17.99 -9.92
CA ILE C 65 2.50 -18.63 -11.09
C ILE C 65 3.26 -18.33 -12.39
N VAL C 66 3.53 -17.06 -12.60
CA VAL C 66 4.17 -16.63 -13.87
C VAL C 66 5.64 -17.03 -13.89
N TYR C 67 6.34 -16.77 -12.82
CA TYR C 67 7.72 -17.19 -12.69
C TYR C 67 7.98 -18.71 -12.87
N GLN C 68 7.27 -19.53 -12.13
CA GLN C 68 7.42 -20.96 -12.28
C GLN C 68 7.06 -21.48 -13.67
N ALA C 69 6.06 -20.89 -14.28
CA ALA C 69 5.70 -21.30 -15.65
C ALA C 69 6.81 -20.91 -16.66
N ILE C 70 7.42 -19.74 -16.44
CA ILE C 70 8.53 -19.37 -17.27
C ILE C 70 9.65 -20.37 -17.03
N LYS C 71 9.97 -20.71 -15.79
CA LYS C 71 11.06 -21.61 -15.52
C LYS C 71 10.84 -23.03 -16.08
N ASP C 72 9.60 -23.50 -15.99
CA ASP C 72 9.12 -24.83 -16.48
C ASP C 72 9.03 -24.97 -17.97
N GLY C 73 8.91 -23.84 -18.68
CA GLY C 73 8.49 -23.85 -20.09
C GLY C 73 7.00 -23.84 -20.42
N ARG C 74 6.12 -23.72 -19.42
CA ARG C 74 4.68 -23.57 -19.74
C ARG C 74 4.34 -22.20 -20.28
N LEU C 75 5.15 -21.19 -19.94
CA LEU C 75 4.98 -19.84 -20.52
C LEU C 75 6.23 -19.56 -21.32
N LYS C 76 6.06 -19.21 -22.58
CA LYS C 76 7.16 -18.99 -23.50
C LYS C 76 6.90 -17.82 -24.42
N PRO C 77 7.99 -17.20 -24.86
CA PRO C 77 7.86 -16.08 -25.76
C PRO C 77 6.83 -16.35 -26.83
N GLY C 78 5.99 -15.38 -27.07
CA GLY C 78 4.89 -15.56 -27.96
C GLY C 78 3.52 -15.82 -27.37
N MET C 79 3.48 -16.44 -26.22
CA MET C 79 2.22 -16.73 -25.57
C MET C 79 1.77 -15.53 -24.76
N GLU C 80 0.51 -15.54 -24.34
CA GLU C 80 -0.04 -14.49 -23.49
C GLU C 80 -0.63 -15.16 -22.25
N ILE C 81 -0.75 -14.38 -21.18
CA ILE C 81 -1.30 -14.88 -19.96
C ILE C 81 -2.84 -14.63 -20.00
N ILE C 82 -3.62 -15.51 -19.41
CA ILE C 82 -5.06 -15.20 -19.27
C ILE C 82 -5.59 -15.75 -17.97
N GLU C 83 -6.59 -15.08 -17.41
CA GLU C 83 -7.18 -15.52 -16.15
C GLU C 83 -8.51 -14.81 -15.86
N SER C 84 -9.52 -15.60 -15.52
CA SER C 84 -10.80 -15.07 -15.19
C SER C 84 -10.84 -14.72 -13.73
N THR C 85 -10.84 -13.45 -13.43
CA THR C 85 -10.80 -13.06 -12.05
C THR C 85 -11.23 -11.66 -11.89
N SER C 86 -11.95 -11.33 -10.86
CA SER C 86 -12.15 -9.87 -10.72
C SER C 86 -11.64 -9.45 -9.37
N GLY C 87 -10.85 -10.31 -8.72
CA GLY C 87 -10.03 -9.89 -7.56
C GLY C 87 -8.60 -9.36 -7.80
N ASN C 88 -7.85 -9.44 -6.71
CA ASN C 88 -6.48 -9.02 -6.64
C ASN C 88 -5.59 -9.90 -7.52
N THR C 89 -5.99 -11.12 -7.79
CA THR C 89 -5.09 -11.99 -8.61
C THR C 89 -4.86 -11.30 -9.96
N GLY C 90 -5.93 -10.67 -10.50
CA GLY C 90 -5.77 -10.01 -11.82
C GLY C 90 -4.69 -8.93 -11.74
N ILE C 91 -4.72 -8.13 -10.68
CA ILE C 91 -3.70 -7.06 -10.51
C ILE C 91 -2.31 -7.68 -10.44
N ALA C 92 -2.20 -8.76 -9.68
CA ALA C 92 -0.87 -9.40 -9.42
C ALA C 92 -0.31 -10.01 -10.68
N LEU C 93 -1.19 -10.65 -11.50
CA LEU C 93 -0.81 -11.09 -12.84
C LEU C 93 -0.37 -9.94 -13.76
N CYS C 94 -1.07 -8.80 -13.74
CA CYS C 94 -0.68 -7.66 -14.57
C CYS C 94 0.71 -7.14 -14.21
N GLN C 95 0.95 -6.99 -12.93
CA GLN C 95 2.28 -6.55 -12.46
C GLN C 95 3.39 -7.53 -12.91
N ALA C 96 3.22 -8.82 -12.63
CA ALA C 96 4.22 -9.86 -13.07
C ALA C 96 4.39 -9.78 -14.60
N GLY C 97 3.27 -9.78 -15.31
CA GLY C 97 3.31 -9.65 -16.80
C GLY C 97 4.06 -8.43 -17.32
N ALA C 98 3.81 -7.30 -16.69
CA ALA C 98 4.54 -6.06 -17.01
C ALA C 98 6.06 -6.20 -16.88
N VAL C 99 6.54 -6.83 -15.80
CA VAL C 99 7.96 -6.94 -15.57
C VAL C 99 8.56 -8.02 -16.43
N PHE C 100 7.90 -9.16 -16.58
CA PHE C 100 8.46 -10.20 -17.40
C PHE C 100 8.29 -9.93 -18.89
N GLY C 101 7.49 -8.94 -19.25
CA GLY C 101 7.27 -8.64 -20.68
C GLY C 101 6.31 -9.64 -21.39
N TYR C 102 5.24 -10.08 -20.71
CA TYR C 102 4.12 -10.85 -21.36
C TYR C 102 2.80 -10.12 -21.33
N ARG C 103 2.01 -10.26 -22.39
CA ARG C 103 0.69 -9.66 -22.41
C ARG C 103 -0.24 -10.38 -21.44
N VAL C 104 -1.09 -9.64 -20.75
CA VAL C 104 -2.00 -10.24 -19.75
C VAL C 104 -3.43 -9.92 -20.14
N ASN C 105 -4.26 -10.96 -20.16
CA ASN C 105 -5.65 -10.79 -20.54
C ASN C 105 -6.47 -11.15 -19.34
N ILE C 106 -7.33 -10.25 -18.87
CA ILE C 106 -8.06 -10.56 -17.67
C ILE C 106 -9.55 -10.49 -17.95
N ALA C 107 -10.29 -11.55 -17.62
CA ALA C 107 -11.73 -11.59 -17.91
C ALA C 107 -12.53 -11.40 -16.70
N MET C 108 -13.53 -10.52 -16.80
CA MET C 108 -14.44 -10.34 -15.69
C MET C 108 -15.75 -9.69 -16.17
N PRO C 109 -16.83 -9.80 -15.39
CA PRO C 109 -18.10 -9.13 -15.76
C PRO C 109 -17.95 -7.60 -15.86
N SER C 110 -18.56 -7.03 -16.87
CA SER C 110 -18.38 -5.65 -17.19
C SER C 110 -18.68 -4.74 -16.02
N THR C 111 -19.54 -5.23 -15.13
CA THR C 111 -20.03 -4.47 -14.02
C THR C 111 -19.26 -4.63 -12.71
N MET C 112 -18.23 -5.46 -12.70
CA MET C 112 -17.55 -5.81 -11.47
C MET C 112 -16.28 -5.01 -11.33
N SER C 113 -16.00 -4.64 -10.09
CA SER C 113 -14.79 -3.89 -9.73
C SER C 113 -14.22 -2.99 -10.85
N VAL C 114 -14.95 -1.96 -11.22
CA VAL C 114 -14.42 -1.03 -12.23
C VAL C 114 -13.16 -0.23 -11.75
N GLU C 115 -12.97 -0.16 -10.42
CA GLU C 115 -11.77 0.48 -9.86
C GLU C 115 -10.65 -0.45 -10.28
N ARG C 116 -10.84 -1.75 -10.03
CA ARG C 116 -9.82 -2.75 -10.41
C ARG C 116 -9.57 -2.84 -11.93
N GLN C 117 -10.58 -2.62 -12.75
CA GLN C 117 -10.40 -2.55 -14.22
C GLN C 117 -9.45 -1.48 -14.63
N MET C 118 -9.63 -0.33 -14.03
CA MET C 118 -8.76 0.78 -14.26
C MET C 118 -7.32 0.44 -13.84
N ILE C 119 -7.16 -0.11 -12.65
CA ILE C 119 -5.81 -0.54 -12.20
C ILE C 119 -5.17 -1.44 -13.29
N MET C 120 -5.94 -2.42 -13.75
CA MET C 120 -5.42 -3.38 -14.73
C MET C 120 -5.05 -2.83 -16.10
N LYS C 121 -5.90 -1.97 -16.64
CA LYS C 121 -5.62 -1.27 -17.87
C LYS C 121 -4.35 -0.45 -17.74
N ALA C 122 -4.10 0.13 -16.55
CA ALA C 122 -2.89 0.96 -16.39
C ALA C 122 -1.59 0.15 -16.62
N PHE C 123 -1.65 -1.11 -16.20
CA PHE C 123 -0.54 -2.05 -16.36
C PHE C 123 -0.44 -2.55 -17.77
N GLY C 124 -1.36 -2.12 -18.63
CA GLY C 124 -1.29 -2.59 -20.03
C GLY C 124 -2.07 -3.86 -20.32
N ALA C 125 -2.86 -4.34 -19.40
CA ALA C 125 -3.63 -5.59 -19.62
C ALA C 125 -4.76 -5.36 -20.66
N GLU C 126 -5.11 -6.43 -21.38
CA GLU C 126 -6.29 -6.44 -22.21
C GLU C 126 -7.44 -6.97 -21.34
N LEU C 127 -8.48 -6.19 -21.23
CA LEU C 127 -9.63 -6.57 -20.47
C LEU C 127 -10.71 -7.23 -21.32
N ILE C 128 -11.22 -8.34 -20.84
CA ILE C 128 -12.25 -9.09 -21.50
C ILE C 128 -13.48 -8.97 -20.68
N LEU C 129 -14.34 -8.08 -21.05
CA LEU C 129 -15.47 -7.76 -20.23
C LEU C 129 -16.73 -8.49 -20.64
N THR C 130 -17.23 -9.36 -19.80
CA THR C 130 -18.35 -10.21 -20.12
C THR C 130 -19.69 -9.74 -19.55
N GLU C 131 -20.79 -10.33 -19.98
CA GLU C 131 -22.11 -9.90 -19.52
C GLU C 131 -22.27 -9.88 -18.02
N GLY C 132 -22.71 -8.76 -17.53
CA GLY C 132 -22.87 -8.54 -16.13
C GLY C 132 -23.72 -9.57 -15.47
N LYS C 133 -24.89 -9.84 -16.04
CA LYS C 133 -25.81 -10.82 -15.48
C LYS C 133 -25.19 -12.22 -15.48
N LYS C 134 -24.26 -12.44 -16.40
CA LYS C 134 -23.59 -13.73 -16.51
C LYS C 134 -22.77 -14.04 -15.26
N GLY C 135 -22.18 -13.01 -14.68
CA GLY C 135 -21.37 -13.17 -13.48
C GLY C 135 -20.04 -13.85 -13.76
N MET C 136 -19.39 -14.31 -12.70
CA MET C 136 -18.11 -14.98 -12.83
C MET C 136 -18.15 -16.06 -13.90
N PRO C 137 -19.16 -16.93 -13.83
CA PRO C 137 -19.32 -18.02 -14.79
C PRO C 137 -19.24 -17.54 -16.23
N GLY C 138 -19.76 -16.37 -16.51
CA GLY C 138 -19.68 -15.80 -17.82
C GLY C 138 -18.28 -15.50 -18.27
N ALA C 139 -17.46 -15.03 -17.35
CA ALA C 139 -16.10 -14.72 -17.66
C ALA C 139 -15.26 -15.97 -17.90
N ILE C 140 -15.53 -17.01 -17.14
CA ILE C 140 -14.84 -18.27 -17.23
C ILE C 140 -15.23 -18.90 -18.53
N GLU C 141 -16.49 -18.79 -18.85
CA GLU C 141 -16.94 -19.34 -20.15
C GLU C 141 -16.24 -18.65 -21.35
N GLU C 142 -16.02 -17.34 -21.28
CA GLU C 142 -15.32 -16.70 -22.34
C GLU C 142 -13.86 -17.09 -22.43
N VAL C 143 -13.22 -17.21 -21.28
CA VAL C 143 -11.85 -17.68 -21.22
C VAL C 143 -11.78 -19.05 -21.86
N ASN C 144 -12.65 -19.96 -21.43
CA ASN C 144 -12.78 -21.27 -22.09
C ASN C 144 -12.95 -21.22 -23.63
N LYS C 145 -13.79 -20.34 -24.10
CA LYS C 145 -14.00 -20.13 -25.56
C LYS C 145 -12.70 -19.68 -26.20
N MET C 146 -12.03 -18.69 -25.57
CA MET C 146 -10.78 -18.20 -26.10
C MET C 146 -9.67 -19.23 -26.15
N ILE C 147 -9.55 -20.09 -25.15
CA ILE C 147 -8.43 -21.01 -25.19
C ILE C 147 -8.75 -22.13 -26.22
N LYS C 148 -10.03 -22.42 -26.38
CA LYS C 148 -10.53 -23.48 -27.26
C LYS C 148 -10.25 -23.13 -28.70
N GLU C 149 -10.45 -21.88 -29.02
CA GLU C 149 -10.27 -21.39 -30.36
C GLU C 149 -8.85 -21.06 -30.73
N ASN C 150 -8.04 -20.77 -29.74
CA ASN C 150 -6.61 -20.46 -29.90
C ASN C 150 -5.71 -21.41 -29.15
N PRO C 151 -5.78 -22.73 -29.44
CA PRO C 151 -4.89 -23.68 -28.75
C PRO C 151 -3.44 -23.28 -28.79
N GLY C 152 -2.73 -23.36 -27.65
CA GLY C 152 -1.31 -22.97 -27.60
C GLY C 152 -0.97 -21.48 -27.36
N LYS C 153 -1.91 -20.58 -27.57
CA LYS C 153 -1.60 -19.15 -27.46
C LYS C 153 -1.54 -18.69 -25.99
N TYR C 154 -2.39 -19.27 -25.15
CA TYR C 154 -2.57 -18.72 -23.78
C TYR C 154 -2.04 -19.63 -22.71
N PHE C 155 -1.46 -19.05 -21.67
CA PHE C 155 -1.20 -19.68 -20.42
C PHE C 155 -2.26 -19.23 -19.39
N VAL C 156 -3.03 -20.18 -18.89
CA VAL C 156 -4.04 -19.92 -17.91
C VAL C 156 -3.48 -20.02 -16.50
N ALA C 157 -3.62 -18.95 -15.73
CA ALA C 157 -3.13 -18.95 -14.38
C ALA C 157 -3.80 -20.00 -13.52
N ASN C 158 -5.11 -20.14 -13.61
CA ASN C 158 -5.83 -21.19 -12.92
C ASN C 158 -5.57 -21.14 -11.40
N GLN C 159 -5.81 -20.01 -10.80
CA GLN C 159 -5.51 -19.80 -9.41
C GLN C 159 -6.05 -20.81 -8.39
N PHE C 160 -7.23 -21.38 -8.62
CA PHE C 160 -7.80 -22.29 -7.71
C PHE C 160 -7.25 -23.71 -7.84
N GLY C 161 -6.59 -24.03 -8.94
CA GLY C 161 -6.03 -25.40 -9.15
C GLY C 161 -4.51 -25.46 -9.38
N ASN C 162 -3.81 -24.31 -9.32
CA ASN C 162 -2.36 -24.26 -9.60
C ASN C 162 -1.53 -24.43 -8.36
N PRO C 163 -0.77 -25.55 -8.27
CA PRO C 163 0.08 -25.76 -7.10
C PRO C 163 1.13 -24.66 -6.91
N ASP C 164 1.40 -23.81 -7.93
CA ASP C 164 2.40 -22.74 -7.74
C ASP C 164 1.85 -21.62 -6.85
N ASN C 165 0.52 -21.62 -6.69
CA ASN C 165 -0.19 -20.77 -5.74
C ASN C 165 0.19 -21.22 -4.28
N THR C 166 -0.10 -22.48 -3.94
CA THR C 166 0.18 -23.04 -2.62
C THR C 166 1.68 -22.93 -2.33
N ALA C 167 2.52 -23.23 -3.35
CA ALA C 167 3.99 -23.25 -3.15
C ALA C 167 4.53 -21.85 -2.75
N ALA C 168 3.92 -20.77 -3.25
CA ALA C 168 4.38 -19.44 -2.94
C ALA C 168 4.34 -19.20 -1.42
N HIS C 169 3.38 -19.83 -0.75
CA HIS C 169 3.19 -19.63 0.67
C HIS C 169 4.13 -20.38 1.56
N HIS C 170 5.00 -21.18 0.92
CA HIS C 170 6.08 -21.73 1.73
C HIS C 170 6.96 -20.55 2.22
N TYR C 171 7.09 -19.49 1.41
CA TYR C 171 7.83 -18.28 1.83
C TYR C 171 7.05 -17.56 2.94
N THR C 172 5.74 -17.43 2.80
CA THR C 172 4.93 -16.82 3.86
C THR C 172 5.20 -17.60 5.13
N ALA C 173 5.18 -18.93 5.06
CA ALA C 173 5.41 -19.75 6.26
C ALA C 173 6.79 -19.51 6.86
N ASN C 174 7.84 -19.50 6.04
CA ASN C 174 9.17 -19.25 6.56
C ASN C 174 9.26 -17.89 7.26
N GLU C 175 8.59 -16.89 6.70
CA GLU C 175 8.56 -15.54 7.35
C GLU C 175 7.87 -15.63 8.70
N ILE C 176 6.74 -16.37 8.81
CA ILE C 176 6.06 -16.52 10.10
C ILE C 176 7.04 -17.20 11.14
N TRP C 177 7.67 -18.28 10.65
CA TRP C 177 8.61 -19.05 11.46
C TRP C 177 9.77 -18.17 11.97
N GLU C 178 10.49 -17.52 11.05
CA GLU C 178 11.65 -16.68 11.42
C GLU C 178 11.20 -15.50 12.28
N ASP C 179 10.09 -14.88 11.92
CA ASP C 179 9.68 -13.62 12.68
C ASP C 179 9.26 -13.90 14.08
N THR C 180 8.69 -15.07 14.31
CA THR C 180 8.29 -15.48 15.66
C THR C 180 9.40 -16.24 16.44
N ASP C 181 10.53 -16.46 15.80
CA ASP C 181 11.61 -17.23 16.37
C ASP C 181 11.10 -18.61 16.75
N GLY C 182 10.30 -19.16 15.88
CA GLY C 182 9.73 -20.48 16.08
C GLY C 182 8.61 -20.58 17.11
N GLU C 183 8.17 -19.45 17.67
CA GLU C 183 7.17 -19.52 18.76
C GLU C 183 5.74 -19.57 18.26
N VAL C 184 5.51 -19.40 16.96
CA VAL C 184 4.12 -19.45 16.47
C VAL C 184 3.42 -20.75 16.91
N ASP C 185 2.18 -20.61 17.38
CA ASP C 185 1.36 -21.71 17.87
C ASP C 185 0.11 -21.96 17.05
N ILE C 186 -0.47 -20.88 16.48
CA ILE C 186 -1.71 -20.97 15.74
C ILE C 186 -1.63 -20.00 14.56
N VAL C 187 -2.09 -20.43 13.39
CA VAL C 187 -2.17 -19.53 12.21
C VAL C 187 -3.59 -19.52 11.80
N VAL C 188 -4.13 -18.31 11.51
CA VAL C 188 -5.54 -18.16 11.13
C VAL C 188 -5.58 -17.57 9.74
N SER C 189 -6.24 -18.22 8.80
CA SER C 189 -6.24 -17.66 7.43
C SER C 189 -7.62 -17.78 6.86
N ALA C 190 -8.19 -16.64 6.43
CA ALA C 190 -9.47 -16.67 5.70
C ALA C 190 -9.26 -17.20 4.27
N VAL C 191 -10.14 -18.09 3.81
CA VAL C 191 -9.82 -18.90 2.65
C VAL C 191 -10.55 -18.37 1.40
N GLY C 192 -9.77 -18.08 0.35
CA GLY C 192 -10.26 -17.73 -1.02
C GLY C 192 -9.90 -18.95 -1.93
N THR C 193 -8.67 -18.96 -2.40
CA THR C 193 -8.11 -20.08 -3.15
C THR C 193 -7.62 -21.22 -2.25
N SER C 194 -7.33 -20.83 -0.98
CA SER C 194 -6.67 -21.67 0.03
C SER C 194 -5.18 -21.83 -0.23
N GLY C 195 -4.59 -21.08 -1.19
CA GLY C 195 -3.10 -21.16 -1.32
C GLY C 195 -2.41 -20.84 0.02
N THR C 196 -2.86 -19.77 0.68
CA THR C 196 -2.26 -19.32 1.95
C THR C 196 -2.37 -20.33 3.10
N VAL C 197 -3.56 -20.81 3.44
CA VAL C 197 -3.69 -21.67 4.60
C VAL C 197 -2.99 -23.01 4.32
N ILE C 198 -3.10 -23.54 3.10
CA ILE C 198 -2.45 -24.85 2.83
C ILE C 198 -0.92 -24.72 2.74
N GLY C 199 -0.46 -23.75 1.95
CA GLY C 199 1.01 -23.51 1.77
C GLY C 199 1.68 -23.21 3.07
N VAL C 200 1.07 -22.33 3.87
CA VAL C 200 1.61 -22.11 5.26
C VAL C 200 1.63 -23.42 6.11
N ALA C 201 0.52 -24.14 6.16
CA ALA C 201 0.40 -25.37 6.94
C ALA C 201 1.45 -26.42 6.50
N GLU C 202 1.63 -26.57 5.17
CA GLU C 202 2.56 -27.59 4.64
C GLU C 202 3.97 -27.35 5.23
N LYS C 203 4.42 -26.09 5.18
CA LYS C 203 5.77 -25.78 5.60
C LYS C 203 5.88 -25.70 7.14
N LEU C 204 4.91 -25.07 7.82
CA LEU C 204 5.03 -24.99 9.26
C LEU C 204 4.91 -26.35 9.95
N LYS C 205 4.04 -27.21 9.47
CA LYS C 205 3.91 -28.50 10.09
C LYS C 205 5.16 -29.38 9.98
N GLU C 206 6.07 -28.98 9.12
CA GLU C 206 7.40 -29.53 9.05
C GLU C 206 8.27 -29.01 10.17
N LYS C 207 8.06 -27.80 10.61
CA LYS C 207 8.95 -27.19 11.59
C LYS C 207 8.72 -27.75 13.00
N LYS C 208 7.49 -27.90 13.42
CA LYS C 208 7.20 -28.31 14.77
C LYS C 208 5.84 -28.92 14.88
N LYS C 209 5.71 -29.89 15.76
CA LYS C 209 4.44 -30.50 15.98
C LYS C 209 3.60 -29.55 16.81
N GLY C 210 2.31 -29.52 16.54
CA GLY C 210 1.38 -28.84 17.40
C GLY C 210 1.01 -27.44 17.02
N ILE C 211 1.27 -27.06 15.79
CA ILE C 211 0.86 -25.70 15.29
C ILE C 211 -0.53 -25.85 14.73
N LYS C 212 -1.48 -25.13 15.29
CA LYS C 212 -2.84 -25.36 14.92
C LYS C 212 -3.19 -24.47 13.72
N ILE C 213 -3.78 -25.04 12.70
CA ILE C 213 -4.05 -24.27 11.46
C ILE C 213 -5.55 -24.08 11.35
N ILE C 214 -6.01 -22.82 11.26
CA ILE C 214 -7.43 -22.55 11.28
C ILE C 214 -7.80 -21.82 10.00
N ALA C 215 -8.75 -22.39 9.25
CA ALA C 215 -9.30 -21.78 8.06
C ALA C 215 -10.53 -20.99 8.46
N VAL C 216 -10.77 -19.89 7.77
CA VAL C 216 -11.98 -19.03 8.09
C VAL C 216 -12.78 -18.87 6.83
N GLU C 217 -14.12 -19.01 6.92
CA GLU C 217 -14.98 -18.81 5.71
C GLU C 217 -16.27 -18.14 6.17
N PRO C 218 -17.06 -17.66 5.24
CA PRO C 218 -18.30 -17.01 5.60
C PRO C 218 -19.29 -18.02 6.06
N GLU C 219 -19.94 -17.62 7.12
CA GLU C 219 -21.06 -18.29 7.69
C GLU C 219 -22.11 -18.66 6.65
N GLU C 220 -22.34 -17.72 5.74
CA GLU C 220 -23.41 -17.86 4.77
C GLU C 220 -22.96 -18.65 3.56
N SER C 221 -21.76 -19.21 3.61
CA SER C 221 -21.31 -19.97 2.47
C SER C 221 -20.26 -20.92 2.96
N ALA C 222 -20.65 -21.72 3.97
CA ALA C 222 -19.69 -22.53 4.71
C ALA C 222 -19.37 -23.83 4.00
N VAL C 223 -18.81 -23.70 2.81
CA VAL C 223 -18.59 -24.84 1.95
C VAL C 223 -17.45 -25.79 2.40
N LEU C 224 -16.40 -25.25 3.03
CA LEU C 224 -15.36 -26.13 3.59
C LEU C 224 -15.90 -27.04 4.71
N GLU C 225 -16.87 -26.52 5.47
CA GLU C 225 -17.59 -27.26 6.54
C GLU C 225 -18.68 -28.23 6.00
N GLY C 226 -18.85 -28.23 4.69
CA GLY C 226 -19.77 -29.15 4.04
C GLY C 226 -21.16 -28.53 3.90
N LYS C 227 -21.30 -27.25 4.25
CA LYS C 227 -22.59 -26.54 3.97
C LYS C 227 -22.72 -26.06 2.55
N ALA C 228 -23.91 -25.60 2.20
CA ALA C 228 -24.17 -25.18 0.84
C ALA C 228 -23.67 -23.77 0.66
N LYS C 229 -23.23 -23.48 -0.56
CA LYS C 229 -22.88 -22.16 -1.02
C LYS C 229 -24.04 -21.19 -0.81
N GLY C 230 -23.72 -19.91 -0.65
CA GLY C 230 -24.76 -18.93 -0.43
C GLY C 230 -24.19 -17.55 -0.62
N PRO C 231 -25.05 -16.54 -0.72
CA PRO C 231 -24.58 -15.15 -0.90
C PRO C 231 -24.01 -14.58 0.40
N HIS C 232 -22.91 -13.83 0.26
CA HIS C 232 -22.20 -13.27 1.41
C HIS C 232 -21.48 -12.03 0.90
N GLY C 233 -21.05 -11.18 1.83
CA GLY C 233 -20.41 -9.92 1.47
C GLY C 233 -18.91 -9.84 1.89
N ILE C 234 -18.25 -10.98 2.16
CA ILE C 234 -16.84 -10.91 2.60
C ILE C 234 -16.01 -11.08 1.33
N GLN C 235 -15.71 -9.97 0.67
CA GLN C 235 -14.94 -9.98 -0.58
C GLN C 235 -13.59 -10.64 -0.41
N GLY C 236 -13.21 -11.47 -1.41
CA GLY C 236 -11.89 -12.18 -1.48
C GLY C 236 -11.94 -13.57 -0.88
N ILE C 237 -13.04 -13.89 -0.17
CA ILE C 237 -13.14 -15.29 0.31
C ILE C 237 -14.49 -15.87 -0.13
N GLY C 238 -14.73 -17.11 0.31
CA GLY C 238 -16.06 -17.76 0.17
C GLY C 238 -16.30 -17.94 -1.32
N ALA C 239 -15.47 -18.75 -1.98
CA ALA C 239 -15.59 -18.90 -3.40
C ALA C 239 -16.88 -19.67 -3.79
N GLY C 240 -17.42 -20.44 -2.85
CA GLY C 240 -18.65 -21.22 -3.11
C GLY C 240 -18.38 -22.65 -3.47
N PHE C 241 -17.11 -23.07 -3.50
CA PHE C 241 -16.72 -24.42 -3.90
C PHE C 241 -15.45 -24.72 -3.12
N ILE C 242 -15.05 -26.00 -3.07
CA ILE C 242 -13.80 -26.31 -2.41
C ILE C 242 -12.71 -26.27 -3.52
N PRO C 243 -11.68 -25.38 -3.37
CA PRO C 243 -10.68 -25.28 -4.46
C PRO C 243 -9.93 -26.61 -4.57
N ASP C 244 -9.50 -26.89 -5.80
CA ASP C 244 -8.74 -28.07 -6.09
C ASP C 244 -7.40 -28.14 -5.30
N ILE C 245 -6.82 -26.98 -4.91
CA ILE C 245 -5.60 -26.98 -4.15
C ILE C 245 -5.81 -27.09 -2.60
N TYR C 246 -7.05 -27.12 -2.13
CA TYR C 246 -7.36 -27.29 -0.74
C TYR C 246 -7.01 -28.70 -0.26
N LYS C 247 -6.36 -28.81 0.89
CA LYS C 247 -6.04 -30.14 1.42
C LYS C 247 -6.50 -30.19 2.87
N LYS C 248 -7.61 -30.82 3.13
CA LYS C 248 -8.21 -30.83 4.43
C LYS C 248 -7.34 -31.39 5.55
N GLU C 249 -6.45 -32.30 5.23
CA GLU C 249 -5.57 -32.90 6.21
C GLU C 249 -4.80 -31.85 6.94
N PHE C 250 -4.48 -30.77 6.25
CA PHE C 250 -3.60 -29.74 6.84
C PHE C 250 -4.31 -28.70 7.70
N VAL C 251 -5.63 -28.77 7.73
CA VAL C 251 -6.44 -27.79 8.46
C VAL C 251 -7.00 -28.44 9.73
N ASP C 252 -6.74 -27.84 10.87
CA ASP C 252 -7.26 -28.32 12.15
C ASP C 252 -8.68 -27.91 12.47
N GLU C 253 -9.09 -26.71 12.14
CA GLU C 253 -10.40 -26.24 12.51
C GLU C 253 -10.86 -25.27 11.43
N ILE C 254 -12.16 -25.19 11.22
CA ILE C 254 -12.71 -24.15 10.31
C ILE C 254 -13.67 -23.27 11.10
N ILE C 255 -13.52 -21.96 11.00
CA ILE C 255 -14.34 -21.06 11.76
C ILE C 255 -15.22 -20.27 10.79
N PRO C 256 -16.56 -20.36 10.93
CA PRO C 256 -17.42 -19.53 10.08
C PRO C 256 -17.58 -18.14 10.73
N ILE C 257 -17.66 -17.08 9.91
CA ILE C 257 -17.78 -15.72 10.42
C ILE C 257 -18.85 -14.99 9.59
N LYS C 258 -19.78 -14.30 10.23
CA LYS C 258 -20.86 -13.66 9.52
C LYS C 258 -20.35 -12.40 8.86
N THR C 259 -20.86 -12.09 7.69
CA THR C 259 -20.42 -10.94 6.92
C THR C 259 -20.39 -9.66 7.72
N GLN C 260 -21.47 -9.38 8.42
CA GLN C 260 -21.53 -8.13 9.13
C GLN C 260 -20.59 -8.09 10.31
N ASP C 261 -20.27 -9.23 10.88
CA ASP C 261 -19.28 -9.31 11.93
C ASP C 261 -17.85 -9.04 11.43
N ALA C 262 -17.55 -9.60 10.28
CA ALA C 262 -16.26 -9.38 9.58
C ALA C 262 -16.07 -7.88 9.31
N TRP C 263 -17.10 -7.20 8.73
CA TRP C 263 -17.01 -5.75 8.53
C TRP C 263 -16.80 -5.01 9.83
N LYS C 264 -17.61 -5.32 10.88
CA LYS C 264 -17.48 -4.56 12.13
C LYS C 264 -16.09 -4.75 12.76
N MET C 265 -15.58 -5.97 12.70
CA MET C 265 -14.21 -6.21 13.17
C MET C 265 -13.18 -5.30 12.46
N ALA C 266 -13.24 -5.28 11.12
CA ALA C 266 -12.33 -4.47 10.33
C ALA C 266 -12.47 -3.00 10.73
N ARG C 267 -13.69 -2.51 10.95
CA ARG C 267 -13.86 -1.13 11.45
C ARG C 267 -13.19 -0.91 12.78
N ALA C 268 -13.19 -1.93 13.65
CA ALA C 268 -12.70 -1.77 15.03
C ALA C 268 -11.16 -1.79 14.95
N VAL C 269 -10.63 -2.64 14.05
CA VAL C 269 -9.15 -2.76 13.91
C VAL C 269 -8.53 -1.42 13.46
N VAL C 270 -9.17 -0.75 12.52
CA VAL C 270 -8.60 0.51 12.05
C VAL C 270 -8.75 1.60 13.08
N LYS C 271 -9.88 1.62 13.78
CA LYS C 271 -10.07 2.72 14.75
C LYS C 271 -9.28 2.51 16.04
N TYR C 272 -9.12 1.26 16.54
CA TYR C 272 -8.45 1.02 17.84
C TYR C 272 -7.02 0.56 17.74
N ASP C 273 -6.64 0.04 16.57
CA ASP C 273 -5.22 -0.30 16.36
C ASP C 273 -4.61 0.50 15.25
N GLY C 274 -5.43 1.29 14.58
CA GLY C 274 -4.86 2.12 13.46
C GLY C 274 -4.31 1.31 12.31
N ILE C 275 -4.86 0.11 12.10
CA ILE C 275 -4.43 -0.79 11.02
C ILE C 275 -5.58 -0.91 10.02
N MET C 276 -5.42 -0.42 8.79
CA MET C 276 -6.62 -0.41 7.91
C MET C 276 -6.77 -1.70 7.09
N CYS C 277 -7.32 -2.71 7.68
CA CYS C 277 -7.36 -4.04 7.01
C CYS C 277 -8.66 -4.14 6.23
N GLY C 278 -8.72 -5.11 5.32
CA GLY C 278 -9.86 -5.27 4.46
C GLY C 278 -10.89 -6.19 5.09
N MET C 279 -11.94 -6.50 4.31
CA MET C 279 -13.05 -7.33 4.88
C MET C 279 -12.63 -8.70 5.34
N SER C 280 -11.94 -9.42 4.47
CA SER C 280 -11.57 -10.80 4.81
C SER C 280 -10.64 -10.77 6.02
N SER C 281 -9.84 -9.70 6.16
CA SER C 281 -9.04 -9.53 7.40
C SER C 281 -9.87 -9.37 8.63
N GLY C 282 -10.97 -8.61 8.55
CA GLY C 282 -11.92 -8.54 9.68
C GLY C 282 -12.36 -9.94 10.05
N ALA C 283 -12.73 -10.76 9.08
CA ALA C 283 -13.11 -12.17 9.39
C ALA C 283 -12.00 -12.93 10.12
N ALA C 284 -10.78 -12.93 9.54
CA ALA C 284 -9.65 -13.68 10.10
C ALA C 284 -9.33 -13.17 11.52
N ILE C 285 -9.36 -11.87 11.70
CA ILE C 285 -8.99 -11.29 13.00
C ILE C 285 -10.03 -11.65 14.08
N LEU C 286 -11.28 -11.60 13.71
CA LEU C 286 -12.35 -11.98 14.66
C LEU C 286 -12.15 -13.45 15.03
N ALA C 287 -11.98 -14.33 14.05
CA ALA C 287 -11.70 -15.75 14.37
C ALA C 287 -10.51 -15.88 15.31
N GLY C 288 -9.45 -15.14 15.05
CA GLY C 288 -8.21 -15.14 15.86
C GLY C 288 -8.48 -14.65 17.26
N LEU C 289 -9.25 -13.56 17.44
CA LEU C 289 -9.64 -13.15 18.79
C LEU C 289 -10.47 -14.23 19.54
N LYS C 290 -11.31 -14.93 18.80
CA LYS C 290 -12.14 -16.00 19.39
C LYS C 290 -11.21 -17.10 19.87
N GLU C 291 -10.12 -17.37 19.14
CA GLU C 291 -9.15 -18.35 19.65
C GLU C 291 -8.48 -17.84 20.86
N ALA C 292 -8.16 -16.53 20.86
CA ALA C 292 -7.36 -15.97 21.94
C ALA C 292 -8.15 -16.00 23.25
N GLU C 293 -9.48 -16.14 23.17
CA GLU C 293 -10.23 -16.19 24.44
C GLU C 293 -10.37 -17.58 25.07
N LYS C 294 -9.97 -18.63 24.37
CA LYS C 294 -9.98 -20.00 24.85
C LYS C 294 -8.91 -20.20 25.88
N PRO C 295 -9.26 -20.75 27.02
CA PRO C 295 -8.28 -20.89 28.10
C PRO C 295 -7.12 -21.79 27.73
N GLU C 296 -7.36 -22.76 26.88
CA GLU C 296 -6.33 -23.64 26.38
C GLU C 296 -5.27 -22.89 25.58
N ASN C 297 -5.60 -21.69 25.16
CA ASN C 297 -4.74 -20.88 24.32
C ASN C 297 -4.03 -19.80 25.07
N GLU C 298 -4.19 -19.77 26.38
CA GLU C 298 -3.50 -18.75 27.20
C GLU C 298 -1.94 -18.79 27.01
N GLY C 299 -1.38 -17.61 26.77
CA GLY C 299 0.06 -17.48 26.52
C GLY C 299 0.55 -17.94 25.16
N LYS C 300 -0.35 -18.38 24.27
CA LYS C 300 0.14 -18.81 22.96
C LYS C 300 0.37 -17.66 21.98
N THR C 301 1.14 -17.89 20.90
CA THR C 301 1.33 -16.87 19.86
C THR C 301 0.45 -17.19 18.64
N ILE C 302 -0.52 -16.30 18.36
CA ILE C 302 -1.52 -16.52 17.31
C ILE C 302 -1.24 -15.55 16.16
N VAL C 303 -1.10 -16.09 14.94
CA VAL C 303 -0.67 -15.29 13.81
C VAL C 303 -1.88 -15.32 12.86
N ILE C 304 -2.30 -14.13 12.48
CA ILE C 304 -3.48 -14.01 11.65
C ILE C 304 -3.08 -13.33 10.33
N ILE C 305 -3.46 -13.93 9.20
CA ILE C 305 -3.12 -13.36 7.91
C ILE C 305 -4.07 -12.20 7.61
N VAL C 306 -3.51 -11.08 7.14
CA VAL C 306 -4.30 -9.90 6.80
C VAL C 306 -4.06 -9.68 5.26
N PRO C 307 -5.01 -10.17 4.43
CA PRO C 307 -4.68 -10.24 3.00
C PRO C 307 -4.67 -8.91 2.23
N SER C 308 -5.34 -7.87 2.74
CA SER C 308 -5.55 -6.63 1.88
C SER C 308 -5.86 -5.43 2.73
N CYS C 309 -5.85 -4.23 2.14
CA CYS C 309 -6.02 -2.97 2.84
C CYS C 309 -7.43 -2.46 2.69
N GLY C 310 -8.00 -1.81 3.68
CA GLY C 310 -9.37 -1.24 3.46
C GLY C 310 -9.58 -0.17 2.36
N GLU C 311 -8.52 0.40 1.79
CA GLU C 311 -8.69 1.48 0.80
C GLU C 311 -9.23 0.92 -0.52
N ARG C 312 -9.06 -0.40 -0.70
CA ARG C 312 -9.59 -1.12 -1.87
C ARG C 312 -11.13 -1.39 -1.73
N TYR C 313 -11.72 -0.85 -0.63
CA TYR C 313 -13.13 -1.20 -0.25
C TYR C 313 -13.99 0.02 -0.06
N LEU C 314 -13.46 1.19 -0.46
CA LEU C 314 -14.11 2.47 -0.18
C LEU C 314 -15.49 2.56 -0.85
N SER C 315 -15.72 1.81 -1.94
CA SER C 315 -17.02 1.93 -2.59
C SER C 315 -18.00 0.85 -2.08
N THR C 316 -17.58 0.04 -1.11
CA THR C 316 -18.48 -1.03 -0.58
C THR C 316 -19.14 -0.43 0.69
N ASP C 317 -19.94 -1.21 1.41
CA ASP C 317 -20.54 -0.70 2.67
C ASP C 317 -19.65 -0.90 3.92
N LEU C 318 -18.39 -1.31 3.71
CA LEU C 318 -17.48 -1.60 4.88
C LEU C 318 -17.52 -0.48 5.92
N TYR C 319 -17.34 0.77 5.46
CA TYR C 319 -17.19 1.93 6.35
C TYR C 319 -18.44 2.80 6.36
N LYS C 320 -19.44 2.45 5.56
CA LYS C 320 -20.64 3.27 5.59
C LYS C 320 -21.42 3.04 6.94
N ILE C 321 -21.53 1.79 7.34
CA ILE C 321 -22.17 1.43 8.60
C ILE C 321 -21.37 1.95 9.81
N LYS C 322 -22.02 2.56 10.78
CA LYS C 322 -21.25 3.41 11.74
C LYS C 322 -20.98 3.00 13.25
N ASP C 323 -21.41 1.82 13.73
CA ASP C 323 -21.18 1.39 15.16
C ASP C 323 -21.24 2.48 16.22
N GLU C 324 -22.31 2.46 17.00
CA GLU C 324 -22.28 3.34 18.17
C GLU C 324 -21.74 2.60 19.38
N GLY C 325 -21.16 3.34 20.29
CA GLY C 325 -20.72 2.71 21.50
C GLY C 325 -19.24 2.77 21.63
N THR C 326 -18.81 2.50 22.84
CA THR C 326 -17.44 2.64 23.19
C THR C 326 -16.68 1.40 22.68
N LYS C 327 -15.36 1.43 22.83
CA LYS C 327 -14.49 0.33 22.39
C LYS C 327 -14.91 -0.98 23.05
N ILE C 328 -15.11 -0.95 24.36
CA ILE C 328 -15.40 -2.23 25.07
C ILE C 328 -16.78 -2.76 24.64
N GLN C 329 -17.75 -1.90 24.37
CA GLN C 329 -19.04 -2.41 23.87
C GLN C 329 -18.90 -3.07 22.52
N ILE C 330 -18.04 -2.50 21.71
CA ILE C 330 -17.87 -3.01 20.37
C ILE C 330 -17.19 -4.37 20.42
N LEU C 331 -16.13 -4.48 21.19
CA LEU C 331 -15.43 -5.77 21.31
C LEU C 331 -16.29 -6.83 22.01
N ASP C 332 -16.94 -6.40 23.07
CA ASP C 332 -17.82 -7.33 23.77
C ASP C 332 -18.95 -7.77 22.77
N SER C 333 -19.49 -6.87 21.92
CA SER C 333 -20.50 -7.37 21.03
C SER C 333 -19.93 -8.31 19.99
N LEU C 334 -18.67 -8.13 19.61
CA LEU C 334 -18.07 -9.04 18.56
C LEU C 334 -17.79 -10.44 19.11
N LEU C 335 -17.45 -10.50 20.40
CA LEU C 335 -17.15 -11.84 20.98
C LEU C 335 -18.31 -12.55 21.68
N ASN C 336 -19.49 -11.98 21.54
CA ASN C 336 -20.77 -12.35 22.15
C ASN C 336 -21.28 -13.76 22.13
N GLU C 337 -21.06 -14.42 21.00
CA GLU C 337 -21.79 -15.64 20.68
C GLU C 337 -21.45 -16.80 21.65
N HIS C 338 -22.46 -17.62 21.97
CA HIS C 338 -22.25 -18.86 22.69
C HIS C 338 -22.01 -20.07 21.79
#